data_9IR0
#
_entry.id   9IR0
#
_cell.length_a   69.620
_cell.length_b   94.970
_cell.length_c   152.020
_cell.angle_alpha   90.000
_cell.angle_beta   90.000
_cell.angle_gamma   90.000
#
_symmetry.space_group_name_H-M   'P 21 21 21'
#
loop_
_entity.id
_entity.type
_entity.pdbx_description
1 polymer 'Glycosyltransferase subfamily 4-like N-terminal domain-containing protein'
2 non-polymer "URIDINE-5'-DIPHOSPHATE"
3 water water
#
_entity_poly.entity_id   1
_entity_poly.type   'polypeptide(L)'
_entity_poly.pdbx_seq_one_letter_code
;GSHMKVMFIPSRAVPFNPDRVQGGLEAVHLNVLKYLVSIGADIDYIGFDNDTFGDWKVTHHPVGHLTKFSLGMSYTMARK
IVELAGIHEYDFVVTMEPTKLTVQAIKDAGLSKVHKNFMATPFEPVSRGIVQIWDQTIQIHKNGGKSYAPTKAFREFERK
YCHMTSALTDKIDYDYWRANPLFEAEDYPVICLNEKPEVLPATDLIISAQRYDTKMRRTDVALEAIKALGENGVGYCPSK
WAPPAKYPVIIDAPHSEIMERLKTAKALINTCPDTGTVENSSIEAISKGVPVIQLVFKDYPHATFEYDPDTVRVEIDFST
PKKEVVALYTKAVLEFTDTYEARVKRAEAVWKKYNRDAVVAMWDKIFTA
;
_entity_poly.pdbx_strand_id   A,B
#
# COMPACT_ATOMS: atom_id res chain seq x y z
N HIS A 3 -2.27 -26.75 21.09
CA HIS A 3 -3.46 -27.29 21.74
C HIS A 3 -4.56 -26.24 21.95
N MET A 4 -4.15 -25.02 22.35
CA MET A 4 -5.08 -23.91 22.47
C MET A 4 -5.39 -23.36 21.08
N LYS A 5 -6.68 -23.16 20.79
CA LYS A 5 -7.15 -22.84 19.45
C LYS A 5 -7.61 -21.39 19.43
N VAL A 6 -7.00 -20.57 18.58
CA VAL A 6 -7.26 -19.13 18.55
C VAL A 6 -7.42 -18.58 17.13
N MET A 7 -8.45 -17.74 16.94
CA MET A 7 -8.64 -17.00 15.71
C MET A 7 -8.04 -15.61 15.94
N PHE A 8 -7.23 -15.14 14.99
CA PHE A 8 -6.48 -13.90 15.15
C PHE A 8 -6.81 -12.93 14.01
N ILE A 9 -7.41 -11.78 14.35
CA ILE A 9 -7.72 -10.75 13.38
C ILE A 9 -6.77 -9.57 13.61
N PRO A 10 -5.83 -9.33 12.67
CA PRO A 10 -4.75 -8.37 12.90
C PRO A 10 -5.14 -6.91 12.68
N SER A 11 -4.18 -6.02 12.96
CA SER A 11 -4.26 -4.62 12.55
C SER A 11 -4.21 -4.54 11.03
N ARG A 12 -4.67 -3.40 10.49
CA ARG A 12 -5.00 -3.28 9.08
C ARG A 12 -4.25 -2.18 8.32
N ALA A 13 -3.27 -1.55 8.97
CA ALA A 13 -2.53 -0.45 8.38
C ALA A 13 -1.42 -0.97 7.47
N VAL A 14 -0.68 -1.98 7.97
CA VAL A 14 0.44 -2.56 7.25
C VAL A 14 0.41 -4.08 7.38
N PRO A 15 0.99 -4.83 6.41
CA PRO A 15 1.15 -6.27 6.56
C PRO A 15 2.08 -6.63 7.71
N PHE A 16 1.85 -7.79 8.33
CA PHE A 16 2.64 -8.19 9.48
C PHE A 16 4.08 -8.50 9.10
N ASN A 17 5.01 -7.95 9.89
CA ASN A 17 6.42 -8.26 9.80
C ASN A 17 6.96 -8.35 11.23
N PRO A 18 7.56 -9.50 11.63
CA PRO A 18 8.02 -9.67 13.00
C PRO A 18 9.16 -8.75 13.42
N ASP A 19 9.91 -8.23 12.43
CA ASP A 19 11.05 -7.38 12.70
C ASP A 19 10.71 -5.89 12.76
N ARG A 20 9.43 -5.56 12.56
CA ARG A 20 8.95 -4.19 12.69
C ARG A 20 8.97 -3.78 14.17
N VAL A 21 9.51 -2.58 14.43
CA VAL A 21 9.76 -2.13 15.79
C VAL A 21 9.23 -0.70 15.97
N GLN A 22 7.96 -0.50 15.59
CA GLN A 22 7.30 0.78 15.82
C GLN A 22 6.36 0.65 17.01
N GLY A 23 5.79 1.78 17.43
CA GLY A 23 4.82 1.80 18.51
C GLY A 23 3.40 1.57 18.00
N GLY A 24 2.43 2.13 18.71
CA GLY A 24 1.03 2.07 18.32
C GLY A 24 0.44 0.67 18.42
N LEU A 25 -0.57 0.40 17.58
CA LEU A 25 -1.32 -0.84 17.64
C LEU A 25 -0.49 -2.02 17.14
N GLU A 26 0.44 -1.74 16.21
CA GLU A 26 1.31 -2.76 15.65
C GLU A 26 2.16 -3.44 16.73
N ALA A 27 2.57 -2.67 17.74
CA ALA A 27 3.35 -3.21 18.84
C ALA A 27 2.52 -4.19 19.68
N VAL A 28 1.25 -3.85 19.90
CA VAL A 28 0.34 -4.70 20.65
C VAL A 28 0.06 -5.98 19.86
N HIS A 29 -0.29 -5.80 18.59
CA HIS A 29 -0.46 -6.90 17.64
C HIS A 29 0.71 -7.89 17.75
N LEU A 30 1.93 -7.39 17.59
CA LEU A 30 3.11 -8.25 17.59
C LEU A 30 3.25 -9.01 18.92
N ASN A 31 3.09 -8.28 20.03
CA ASN A 31 3.29 -8.84 21.35
C ASN A 31 2.28 -9.91 21.73
N VAL A 32 1.02 -9.72 21.33
CA VAL A 32 -0.02 -10.73 21.56
C VAL A 32 0.26 -11.97 20.71
N LEU A 33 0.63 -11.76 19.44
CA LEU A 33 0.93 -12.87 18.56
C LEU A 33 2.14 -13.65 19.06
N LYS A 34 3.20 -12.93 19.40
CA LYS A 34 4.42 -13.54 19.93
C LYS A 34 4.14 -14.41 21.16
N TYR A 35 3.26 -13.93 22.05
CA TYR A 35 2.85 -14.70 23.22
C TYR A 35 2.14 -15.99 22.82
N LEU A 36 1.15 -15.88 21.92
CA LEU A 36 0.40 -17.03 21.46
C LEU A 36 1.30 -18.08 20.83
N VAL A 37 2.28 -17.63 20.05
CA VAL A 37 3.27 -18.53 19.46
C VAL A 37 4.12 -19.19 20.55
N SER A 38 4.47 -18.42 21.59
CA SER A 38 5.32 -18.93 22.66
C SER A 38 4.70 -20.08 23.45
N ILE A 39 3.36 -20.10 23.54
CA ILE A 39 2.65 -21.16 24.23
C ILE A 39 2.13 -22.23 23.28
N GLY A 40 2.60 -22.19 22.02
CA GLY A 40 2.30 -23.22 21.04
C GLY A 40 0.83 -23.28 20.64
N ALA A 41 0.20 -22.11 20.56
CA ALA A 41 -1.20 -22.02 20.20
C ALA A 41 -1.39 -22.39 18.73
N ASP A 42 -2.53 -23.03 18.44
CA ASP A 42 -2.95 -23.29 17.07
C ASP A 42 -3.69 -22.04 16.60
N ILE A 43 -3.01 -21.25 15.76
CA ILE A 43 -3.48 -19.93 15.37
C ILE A 43 -4.01 -19.89 13.94
N ASP A 44 -5.31 -19.62 13.78
CA ASP A 44 -5.88 -19.31 12.47
C ASP A 44 -5.85 -17.80 12.28
N TYR A 45 -4.92 -17.34 11.44
CA TYR A 45 -4.61 -15.93 11.27
C TYR A 45 -5.27 -15.44 9.99
N ILE A 46 -6.32 -14.63 10.14
CA ILE A 46 -7.05 -14.08 8.99
C ILE A 46 -6.38 -12.77 8.59
N GLY A 47 -5.36 -12.87 7.73
CA GLY A 47 -4.48 -11.76 7.43
C GLY A 47 -4.43 -11.40 5.95
N PHE A 48 -3.22 -11.06 5.49
CA PHE A 48 -2.99 -10.49 4.17
C PHE A 48 -1.87 -11.24 3.45
N ASP A 49 -2.02 -11.42 2.14
CA ASP A 49 -1.10 -12.23 1.36
C ASP A 49 0.37 -11.84 1.53
N ASN A 50 0.61 -10.55 1.80
CA ASN A 50 1.96 -10.03 1.97
C ASN A 50 2.46 -10.02 3.42
N ASP A 51 1.76 -10.73 4.32
CA ASP A 51 2.28 -11.03 5.64
C ASP A 51 3.48 -11.98 5.56
N THR A 52 4.41 -11.86 6.52
CA THR A 52 5.48 -12.82 6.72
C THR A 52 5.61 -13.13 8.21
N PHE A 53 5.95 -14.39 8.54
CA PHE A 53 5.95 -14.86 9.91
C PHE A 53 7.25 -15.48 10.40
N GLY A 54 8.25 -15.58 9.51
CA GLY A 54 9.49 -16.28 9.83
C GLY A 54 9.24 -17.76 10.14
N ASP A 55 9.74 -18.21 11.29
CA ASP A 55 9.62 -19.60 11.71
C ASP A 55 8.33 -19.89 12.48
N TRP A 56 7.56 -18.84 12.78
CA TRP A 56 6.39 -18.97 13.64
C TRP A 56 5.29 -19.82 13.00
N LYS A 57 4.73 -20.74 13.80
CA LYS A 57 3.67 -21.64 13.35
C LYS A 57 2.34 -20.89 13.32
N VAL A 58 1.84 -20.64 12.10
CA VAL A 58 0.59 -19.93 11.89
C VAL A 58 -0.13 -20.51 10.67
N THR A 59 -1.40 -20.87 10.86
CA THR A 59 -2.25 -21.25 9.74
C THR A 59 -2.84 -19.96 9.16
N HIS A 60 -2.38 -19.59 7.95
CA HIS A 60 -2.68 -18.30 7.36
C HIS A 60 -3.90 -18.37 6.44
N HIS A 61 -4.81 -17.40 6.61
CA HIS A 61 -6.02 -17.31 5.81
C HIS A 61 -6.11 -15.93 5.17
N PRO A 62 -5.45 -15.72 3.99
CA PRO A 62 -5.32 -14.39 3.42
C PRO A 62 -6.63 -13.84 2.83
N VAL A 63 -6.84 -12.52 2.98
CA VAL A 63 -8.01 -11.85 2.44
C VAL A 63 -7.66 -10.85 1.34
N GLY A 64 -6.41 -10.89 0.87
CA GLY A 64 -5.94 -10.01 -0.19
C GLY A 64 -4.59 -9.38 0.11
N HIS A 65 -3.95 -8.84 -0.94
CA HIS A 65 -2.71 -8.08 -0.81
C HIS A 65 -3.01 -6.70 -0.24
N LEU A 66 -2.37 -6.37 0.90
CA LEU A 66 -2.67 -5.15 1.62
C LEU A 66 -1.75 -4.00 1.22
N THR A 67 -2.37 -2.93 0.71
CA THR A 67 -1.72 -1.63 0.59
C THR A 67 -2.56 -0.65 1.42
N LYS A 68 -3.82 -0.47 1.01
CA LYS A 68 -4.81 0.21 1.82
C LYS A 68 -5.96 -0.75 2.05
N PHE A 69 -6.36 -0.93 3.32
CA PHE A 69 -7.44 -1.84 3.67
C PHE A 69 -8.72 -1.36 3.00
N SER A 70 -9.40 -2.27 2.30
CA SER A 70 -10.56 -1.95 1.50
C SER A 70 -11.82 -2.63 2.02
N LEU A 71 -12.98 -2.22 1.48
CA LEU A 71 -14.26 -2.82 1.83
C LEU A 71 -14.30 -4.28 1.42
N GLY A 72 -13.84 -4.58 0.20
CA GLY A 72 -13.77 -5.94 -0.30
C GLY A 72 -12.99 -6.88 0.64
N MET A 73 -11.84 -6.39 1.12
CA MET A 73 -11.02 -7.12 2.07
C MET A 73 -11.77 -7.39 3.37
N SER A 74 -12.52 -6.38 3.84
CA SER A 74 -13.27 -6.48 5.07
C SER A 74 -14.38 -7.53 4.99
N TYR A 75 -15.10 -7.56 3.86
CA TYR A 75 -16.15 -8.56 3.66
C TYR A 75 -15.57 -9.95 3.45
N THR A 76 -14.41 -10.05 2.79
CA THR A 76 -13.71 -11.31 2.69
C THR A 76 -13.33 -11.81 4.09
N MET A 77 -12.80 -10.90 4.92
CA MET A 77 -12.41 -11.21 6.28
C MET A 77 -13.62 -11.67 7.10
N ALA A 78 -14.71 -10.91 7.05
CA ALA A 78 -15.93 -11.25 7.76
C ALA A 78 -16.49 -12.62 7.34
N ARG A 79 -16.44 -12.90 6.03
CA ARG A 79 -16.86 -14.18 5.50
C ARG A 79 -16.00 -15.31 6.04
N LYS A 80 -14.68 -15.08 6.11
CA LYS A 80 -13.74 -16.09 6.60
C LYS A 80 -13.97 -16.39 8.08
N ILE A 81 -14.26 -15.35 8.88
CA ILE A 81 -14.56 -15.51 10.29
C ILE A 81 -15.68 -16.53 10.49
N VAL A 82 -16.79 -16.34 9.75
CA VAL A 82 -17.97 -17.18 9.87
C VAL A 82 -17.68 -18.59 9.39
N GLU A 83 -16.93 -18.71 8.29
CA GLU A 83 -16.54 -20.01 7.75
C GLU A 83 -15.79 -20.83 8.81
N LEU A 84 -14.69 -20.27 9.31
CA LEU A 84 -13.81 -20.96 10.23
C LEU A 84 -14.49 -21.34 11.55
N ALA A 85 -15.35 -20.43 12.06
CA ALA A 85 -16.08 -20.67 13.28
C ALA A 85 -17.07 -21.84 13.16
N GLY A 86 -17.48 -22.13 11.92
CA GLY A 86 -18.34 -23.27 11.64
C GLY A 86 -17.65 -24.63 11.74
N ILE A 87 -16.33 -24.66 11.45
CA ILE A 87 -15.55 -25.89 11.42
C ILE A 87 -14.70 -26.11 12.68
N HIS A 88 -14.41 -25.03 13.42
CA HIS A 88 -13.50 -25.10 14.54
C HIS A 88 -14.11 -24.53 15.82
N GLU A 89 -13.71 -25.10 16.96
CA GLU A 89 -14.10 -24.62 18.28
C GLU A 89 -12.96 -23.78 18.84
N TYR A 90 -13.13 -22.45 18.80
CA TYR A 90 -12.09 -21.53 19.23
C TYR A 90 -12.18 -21.23 20.73
N ASP A 91 -11.03 -21.30 21.42
CA ASP A 91 -10.93 -20.88 22.80
C ASP A 91 -11.03 -19.37 22.93
N PHE A 92 -10.40 -18.66 21.97
CA PHE A 92 -10.42 -17.21 21.93
C PHE A 92 -10.42 -16.72 20.49
N VAL A 93 -10.95 -15.50 20.30
CA VAL A 93 -10.74 -14.76 19.06
C VAL A 93 -10.08 -13.46 19.47
N VAL A 94 -8.95 -13.14 18.83
CA VAL A 94 -8.17 -11.97 19.16
C VAL A 94 -8.36 -10.91 18.08
N THR A 95 -8.47 -9.65 18.52
CA THR A 95 -8.81 -8.52 17.67
C THR A 95 -7.93 -7.31 17.98
N MET A 96 -7.67 -6.49 16.96
CA MET A 96 -6.87 -5.29 17.08
C MET A 96 -7.67 -4.09 16.56
N GLU A 97 -8.45 -3.45 17.44
CA GLU A 97 -9.28 -2.31 17.06
C GLU A 97 -10.05 -2.61 15.76
N PRO A 98 -11.01 -3.55 15.78
CA PRO A 98 -11.64 -4.06 14.56
C PRO A 98 -12.71 -3.16 13.97
N THR A 99 -13.10 -3.47 12.74
CA THR A 99 -14.22 -2.79 12.09
C THR A 99 -15.56 -3.25 12.64
N LYS A 100 -16.61 -2.48 12.35
CA LYS A 100 -17.97 -2.84 12.68
C LYS A 100 -18.32 -4.22 12.13
N LEU A 101 -17.90 -4.49 10.89
CA LEU A 101 -18.20 -5.73 10.21
C LEU A 101 -17.57 -6.94 10.89
N THR A 102 -16.31 -6.80 11.33
CA THR A 102 -15.63 -7.85 12.06
C THR A 102 -16.33 -8.18 13.37
N VAL A 103 -16.67 -7.14 14.14
CA VAL A 103 -17.32 -7.31 15.43
C VAL A 103 -18.68 -8.01 15.27
N GLN A 104 -19.44 -7.60 14.24
CA GLN A 104 -20.71 -8.22 13.93
C GLN A 104 -20.53 -9.69 13.50
N ALA A 105 -19.48 -9.96 12.71
CA ALA A 105 -19.17 -11.31 12.27
C ALA A 105 -18.85 -12.23 13.44
N ILE A 106 -18.04 -11.72 14.37
CA ILE A 106 -17.70 -12.46 15.59
C ILE A 106 -18.95 -12.84 16.38
N LYS A 107 -19.92 -11.92 16.45
CA LYS A 107 -21.16 -12.15 17.17
C LYS A 107 -22.00 -13.24 16.49
N ASP A 108 -22.20 -13.06 15.17
CA ASP A 108 -22.98 -14.01 14.38
C ASP A 108 -22.35 -15.40 14.36
N ALA A 109 -21.01 -15.45 14.44
CA ALA A 109 -20.26 -16.70 14.48
C ALA A 109 -20.33 -17.39 15.85
N GLY A 110 -20.85 -16.68 16.85
CA GLY A 110 -21.01 -17.22 18.19
C GLY A 110 -19.73 -17.17 19.03
N LEU A 111 -18.87 -16.20 18.75
CA LEU A 111 -17.57 -16.08 19.41
C LEU A 111 -17.44 -14.82 20.27
N SER A 112 -18.55 -14.09 20.46
CA SER A 112 -18.50 -12.83 21.17
C SER A 112 -18.04 -12.95 22.62
N LYS A 113 -18.33 -14.10 23.25
CA LYS A 113 -18.01 -14.30 24.66
C LYS A 113 -16.58 -14.80 24.91
N VAL A 114 -15.87 -15.14 23.82
CA VAL A 114 -14.44 -15.48 23.91
C VAL A 114 -13.59 -14.45 23.19
N HIS A 115 -14.19 -13.28 22.90
CA HIS A 115 -13.53 -12.22 22.16
C HIS A 115 -12.61 -11.41 23.06
N LYS A 116 -11.32 -11.35 22.69
CA LYS A 116 -10.32 -10.54 23.37
C LYS A 116 -9.83 -9.44 22.43
N ASN A 117 -10.15 -8.18 22.77
CA ASN A 117 -9.79 -7.03 21.96
C ASN A 117 -8.70 -6.20 22.63
N PHE A 118 -7.78 -5.67 21.83
CA PHE A 118 -6.67 -4.87 22.33
C PHE A 118 -6.64 -3.52 21.64
N MET A 119 -6.32 -2.46 22.40
CA MET A 119 -6.41 -1.10 21.94
C MET A 119 -5.13 -0.31 22.19
N ALA A 120 -4.94 0.76 21.41
CA ALA A 120 -3.82 1.67 21.57
C ALA A 120 -4.15 3.11 21.20
N THR A 121 -5.14 3.32 20.33
CA THR A 121 -5.45 4.63 19.80
C THR A 121 -6.33 5.44 20.76
N PRO A 122 -5.87 6.61 21.27
CA PRO A 122 -6.73 7.48 22.07
C PRO A 122 -7.96 7.99 21.31
N PHE A 123 -9.03 8.29 22.06
CA PHE A 123 -10.27 8.79 21.47
C PHE A 123 -10.10 10.24 21.04
N GLU A 124 -10.37 10.50 19.75
CA GLU A 124 -10.27 11.83 19.18
C GLU A 124 -11.55 12.12 18.39
N PRO A 125 -12.51 12.88 18.98
CA PRO A 125 -13.82 13.08 18.36
C PRO A 125 -13.79 13.70 16.95
N VAL A 126 -12.73 14.45 16.63
CA VAL A 126 -12.63 15.13 15.35
C VAL A 126 -12.35 14.17 14.19
N SER A 127 -11.79 12.99 14.51
CA SER A 127 -11.41 12.00 13.51
C SER A 127 -12.49 10.95 13.30
N ARG A 128 -13.11 10.96 12.11
CA ARG A 128 -14.15 10.00 11.76
C ARG A 128 -13.70 8.56 12.03
N GLY A 129 -12.48 8.23 11.60
CA GLY A 129 -11.94 6.88 11.72
C GLY A 129 -11.81 6.39 13.16
N ILE A 130 -11.36 7.27 14.05
CA ILE A 130 -11.16 6.93 15.45
C ILE A 130 -12.49 6.81 16.18
N VAL A 131 -13.48 7.61 15.77
CA VAL A 131 -14.82 7.50 16.33
C VAL A 131 -15.39 6.11 16.06
N GLN A 132 -15.20 5.62 14.83
CA GLN A 132 -15.61 4.28 14.46
C GLN A 132 -14.96 3.21 15.33
N ILE A 133 -13.66 3.37 15.57
CA ILE A 133 -12.92 2.45 16.42
C ILE A 133 -13.57 2.32 17.79
N TRP A 134 -13.82 3.46 18.45
CA TRP A 134 -14.36 3.47 19.80
C TRP A 134 -15.85 3.14 19.84
N ASP A 135 -16.58 3.50 18.77
CA ASP A 135 -17.95 3.06 18.62
C ASP A 135 -18.03 1.54 18.75
N GLN A 136 -17.10 0.85 18.09
CA GLN A 136 -17.07 -0.61 18.12
C GLN A 136 -16.51 -1.18 19.41
N THR A 137 -15.69 -0.41 20.13
CA THR A 137 -15.26 -0.79 21.46
C THR A 137 -16.48 -0.88 22.37
N ILE A 138 -17.42 0.07 22.20
CA ILE A 138 -18.68 0.04 22.91
C ILE A 138 -19.49 -1.20 22.51
N GLN A 139 -19.52 -1.49 21.21
CA GLN A 139 -20.29 -2.61 20.70
C GLN A 139 -19.76 -3.95 21.21
N ILE A 140 -18.42 -4.07 21.31
CA ILE A 140 -17.79 -5.25 21.86
C ILE A 140 -18.22 -5.49 23.31
N HIS A 141 -18.37 -4.40 24.07
CA HIS A 141 -18.80 -4.50 25.46
C HIS A 141 -20.26 -4.95 25.55
N LYS A 142 -21.12 -4.39 24.68
CA LYS A 142 -22.51 -4.80 24.59
C LYS A 142 -22.66 -6.27 24.23
N ASN A 143 -21.83 -6.72 23.28
CA ASN A 143 -21.87 -8.10 22.80
C ASN A 143 -21.30 -9.10 23.81
N GLY A 144 -20.55 -8.60 24.80
CA GLY A 144 -20.02 -9.43 25.87
C GLY A 144 -18.56 -9.86 25.64
N GLY A 145 -17.87 -9.18 24.72
CA GLY A 145 -16.43 -9.32 24.57
C GLY A 145 -15.68 -8.49 25.61
N LYS A 146 -14.35 -8.63 25.62
CA LYS A 146 -13.52 -7.90 26.57
C LYS A 146 -12.41 -7.15 25.86
N SER A 147 -12.23 -5.87 26.24
CA SER A 147 -11.16 -5.04 25.71
C SER A 147 -10.10 -4.76 26.78
N TYR A 148 -8.86 -4.59 26.33
CA TYR A 148 -7.72 -4.43 27.23
C TYR A 148 -6.91 -3.19 26.85
N ALA A 149 -6.55 -2.40 27.88
CA ALA A 149 -5.81 -1.17 27.70
C ALA A 149 -4.33 -1.35 28.08
N PRO A 150 -3.39 -0.58 27.49
CA PRO A 150 -1.97 -0.70 27.84
C PRO A 150 -1.63 -0.32 29.27
N THR A 151 -2.31 0.72 29.79
CA THR A 151 -1.99 1.31 31.08
C THR A 151 -3.26 1.65 31.86
N LYS A 152 -3.09 1.86 33.16
CA LYS A 152 -4.14 2.40 34.03
C LYS A 152 -4.48 3.83 33.62
N ALA A 153 -3.47 4.57 33.14
CA ALA A 153 -3.66 5.90 32.62
C ALA A 153 -4.65 5.92 31.46
N PHE A 154 -4.55 4.93 30.57
CA PHE A 154 -5.45 4.80 29.44
C PHE A 154 -6.89 4.54 29.90
N ARG A 155 -7.03 3.73 30.96
CA ARG A 155 -8.33 3.45 31.55
C ARG A 155 -8.95 4.68 32.21
N GLU A 156 -8.10 5.54 32.79
CA GLU A 156 -8.55 6.80 33.37
C GLU A 156 -8.98 7.78 32.27
N PHE A 157 -8.21 7.81 31.18
CA PHE A 157 -8.56 8.59 30.01
C PHE A 157 -9.90 8.18 29.40
N GLU A 158 -10.22 6.88 29.48
CA GLU A 158 -11.47 6.37 28.94
C GLU A 158 -12.68 6.93 29.70
N ARG A 159 -12.50 7.23 30.99
CA ARG A 159 -13.55 7.87 31.77
C ARG A 159 -13.70 9.36 31.46
N LYS A 160 -12.69 9.94 30.80
CA LYS A 160 -12.80 11.28 30.23
C LYS A 160 -13.38 11.24 28.82
N TYR A 161 -13.07 10.19 28.07
CA TYR A 161 -13.53 10.03 26.70
C TYR A 161 -15.05 9.99 26.57
N CYS A 162 -15.71 9.41 27.59
CA CYS A 162 -17.15 9.42 27.80
C CYS A 162 -17.87 10.73 27.51
N HIS A 163 -17.20 11.83 27.86
CA HIS A 163 -17.82 13.15 27.86
C HIS A 163 -17.34 14.04 26.72
N MET A 164 -16.55 13.46 25.81
CA MET A 164 -16.01 14.20 24.67
C MET A 164 -16.89 13.96 23.45
N THR A 165 -17.36 15.06 22.84
CA THR A 165 -18.27 15.00 21.71
C THR A 165 -17.83 15.88 20.55
N SER A 166 -18.46 15.68 19.39
CA SER A 166 -18.24 16.51 18.22
C SER A 166 -19.39 16.31 17.24
N ALA A 167 -19.27 16.89 16.03
CA ALA A 167 -20.27 16.71 14.99
C ALA A 167 -20.28 15.29 14.44
N LEU A 168 -19.20 14.55 14.67
CA LEU A 168 -19.03 13.20 14.12
C LEU A 168 -19.46 12.09 15.07
N THR A 169 -19.93 12.46 16.27
CA THR A 169 -20.20 11.50 17.33
C THR A 169 -21.68 11.31 17.67
N ASP A 170 -22.58 11.67 16.73
CA ASP A 170 -24.01 11.57 16.96
C ASP A 170 -24.49 10.12 17.13
N LYS A 171 -23.81 9.19 16.44
CA LYS A 171 -24.14 7.78 16.50
C LYS A 171 -23.74 7.10 17.81
N ILE A 172 -22.71 7.65 18.47
CA ILE A 172 -22.15 7.05 19.67
C ILE A 172 -23.19 6.98 20.79
N ASP A 173 -23.33 5.78 21.38
CA ASP A 173 -24.24 5.58 22.49
C ASP A 173 -23.56 6.04 23.79
N TYR A 174 -23.64 7.35 24.03
CA TYR A 174 -23.01 7.96 25.18
C TYR A 174 -23.64 7.56 26.51
N ASP A 175 -24.96 7.28 26.48
CA ASP A 175 -25.67 6.83 27.67
C ASP A 175 -25.08 5.52 28.19
N TYR A 176 -24.88 4.56 27.28
CA TYR A 176 -24.29 3.26 27.61
C TYR A 176 -22.84 3.42 28.06
N TRP A 177 -22.07 4.21 27.31
CA TRP A 177 -20.65 4.37 27.54
C TRP A 177 -20.38 4.98 28.92
N ARG A 178 -21.06 6.08 29.24
CA ARG A 178 -20.92 6.75 30.52
C ARG A 178 -21.19 5.83 31.71
N ALA A 179 -22.08 4.85 31.53
CA ALA A 179 -22.45 3.93 32.59
C ALA A 179 -21.63 2.63 32.60
N ASN A 180 -20.80 2.41 31.58
CA ASN A 180 -20.01 1.19 31.46
C ASN A 180 -18.57 1.44 31.06
N PRO A 181 -17.60 1.41 32.01
CA PRO A 181 -16.18 1.39 31.65
C PRO A 181 -15.83 0.22 30.73
N LEU A 182 -15.29 0.54 29.55
CA LEU A 182 -15.14 -0.43 28.48
C LEU A 182 -14.01 -1.44 28.69
N PHE A 183 -13.00 -1.07 29.47
CA PHE A 183 -11.81 -1.89 29.63
C PHE A 183 -11.88 -2.79 30.86
N GLU A 184 -11.32 -4.00 30.72
CA GLU A 184 -11.10 -4.90 31.85
C GLU A 184 -9.97 -4.33 32.72
N ALA A 185 -9.82 -4.90 33.93
CA ALA A 185 -8.91 -4.35 34.93
C ALA A 185 -7.44 -4.64 34.65
N GLU A 186 -7.16 -5.65 33.82
CA GLU A 186 -5.80 -6.09 33.57
C GLU A 186 -5.16 -5.26 32.46
N ASP A 187 -3.93 -4.79 32.70
CA ASP A 187 -3.11 -4.21 31.63
C ASP A 187 -2.63 -5.32 30.69
N TYR A 188 -2.35 -4.95 29.44
CA TYR A 188 -1.50 -5.76 28.59
C TYR A 188 -0.08 -5.18 28.63
N PRO A 189 0.97 -6.05 28.72
CA PRO A 189 2.32 -5.60 29.03
C PRO A 189 2.96 -4.75 27.93
N VAL A 190 3.08 -3.46 28.21
CA VAL A 190 3.63 -2.50 27.27
C VAL A 190 5.14 -2.67 27.05
N ILE A 191 5.83 -3.22 28.05
CA ILE A 191 7.26 -3.48 27.96
C ILE A 191 7.60 -4.83 28.56
N CYS A 192 8.77 -5.36 28.18
CA CYS A 192 9.27 -6.61 28.72
C CYS A 192 10.77 -6.49 29.00
N LEU A 193 11.15 -6.59 30.28
CA LEU A 193 12.53 -6.53 30.71
C LEU A 193 13.06 -7.95 30.92
N ASN A 194 14.02 -8.35 30.08
CA ASN A 194 14.53 -9.71 30.08
C ASN A 194 15.57 -9.93 31.16
N GLU A 195 16.45 -8.93 31.36
CA GLU A 195 17.43 -8.98 32.43
C GLU A 195 17.27 -7.73 33.31
N LYS A 196 17.49 -7.90 34.62
CA LYS A 196 17.41 -6.79 35.56
C LYS A 196 18.42 -5.72 35.17
N PRO A 197 17.98 -4.46 34.91
CA PRO A 197 18.94 -3.38 34.68
C PRO A 197 19.75 -3.05 35.92
N GLU A 198 21.05 -2.78 35.71
CA GLU A 198 21.95 -2.39 36.77
C GLU A 198 22.05 -0.86 36.74
N VAL A 199 21.45 -0.21 37.74
CA VAL A 199 21.32 1.24 37.75
C VAL A 199 22.68 1.92 37.92
N LEU A 200 23.08 2.70 36.91
CA LEU A 200 24.33 3.42 36.92
C LEU A 200 24.14 4.83 37.47
N PRO A 201 25.15 5.41 38.17
CA PRO A 201 25.05 6.80 38.63
C PRO A 201 24.84 7.79 37.49
N ALA A 202 24.19 8.91 37.82
CA ALA A 202 23.84 9.94 36.86
C ALA A 202 25.02 10.82 36.48
N THR A 203 25.05 11.23 35.21
CA THR A 203 25.86 12.37 34.78
C THR A 203 24.99 13.60 35.04
N ASP A 204 25.31 14.72 34.39
CA ASP A 204 24.44 15.88 34.40
C ASP A 204 23.60 15.99 33.13
N LEU A 205 23.73 15.01 32.22
CA LEU A 205 23.09 15.07 30.92
C LEU A 205 21.59 14.76 31.01
N ILE A 206 20.78 15.61 30.38
CA ILE A 206 19.35 15.42 30.31
C ILE A 206 18.93 15.26 28.84
N ILE A 207 18.05 14.28 28.57
CA ILE A 207 17.73 13.86 27.22
C ILE A 207 16.25 14.03 26.89
N SER A 208 15.97 14.53 25.68
CA SER A 208 14.64 14.47 25.10
C SER A 208 14.64 13.49 23.93
N ALA A 209 13.87 12.40 24.08
CA ALA A 209 13.69 11.42 23.01
C ALA A 209 12.25 11.50 22.51
N GLN A 210 11.94 12.58 21.79
CA GLN A 210 10.59 12.88 21.35
C GLN A 210 10.56 13.34 19.90
N ARG A 211 9.51 12.92 19.18
CA ARG A 211 9.20 13.49 17.88
C ARG A 211 9.01 15.00 18.03
N TYR A 212 9.44 15.77 17.02
CA TYR A 212 9.13 17.19 17.00
C TYR A 212 7.67 17.35 16.57
N ASP A 213 6.82 17.68 17.55
CA ASP A 213 5.38 17.77 17.36
C ASP A 213 4.84 18.71 18.43
N THR A 214 4.71 19.99 18.07
CA THR A 214 4.39 21.04 19.02
C THR A 214 2.98 20.90 19.59
N LYS A 215 2.04 20.45 18.75
CA LYS A 215 0.65 20.27 19.15
C LYS A 215 0.51 19.16 20.19
N MET A 216 1.04 17.98 19.88
CA MET A 216 0.83 16.80 20.70
C MET A 216 1.85 16.70 21.83
N ARG A 217 3.13 16.84 21.51
CA ARG A 217 4.20 16.62 22.48
C ARG A 217 4.92 17.89 22.94
N ARG A 218 4.54 19.05 22.38
CA ARG A 218 5.14 20.32 22.73
C ARG A 218 6.67 20.21 22.81
N THR A 219 7.26 19.71 21.71
CA THR A 219 8.69 19.44 21.66
C THR A 219 9.50 20.72 21.60
N ASP A 220 8.88 21.81 21.14
CA ASP A 220 9.50 23.12 21.16
C ASP A 220 9.87 23.51 22.60
N VAL A 221 8.95 23.25 23.55
CA VAL A 221 9.20 23.49 24.96
C VAL A 221 10.39 22.67 25.44
N ALA A 222 10.43 21.40 25.01
CA ALA A 222 11.50 20.49 25.40
C ALA A 222 12.86 20.99 24.90
N LEU A 223 12.94 21.33 23.62
CA LEU A 223 14.19 21.74 23.00
C LEU A 223 14.64 23.14 23.41
N GLU A 224 13.69 23.94 23.95
CA GLU A 224 14.02 25.21 24.58
C GLU A 224 14.74 24.97 25.92
N ALA A 225 14.34 23.92 26.63
CA ALA A 225 15.02 23.52 27.86
C ALA A 225 16.39 22.94 27.55
N ILE A 226 16.47 22.17 26.46
CA ILE A 226 17.73 21.61 25.99
C ILE A 226 18.76 22.70 25.70
N LYS A 227 18.34 23.76 25.00
CA LYS A 227 19.23 24.87 24.69
C LYS A 227 19.74 25.54 25.97
N ALA A 228 18.87 25.64 26.99
CA ALA A 228 19.22 26.27 28.25
C ALA A 228 20.18 25.42 29.07
N LEU A 229 20.16 24.10 28.84
CA LEU A 229 21.10 23.18 29.49
C LEU A 229 22.51 23.27 28.90
N GLY A 230 22.62 23.71 27.65
CA GLY A 230 23.89 23.81 26.96
C GLY A 230 24.52 22.44 26.72
N GLU A 231 25.71 22.23 27.27
CA GLU A 231 26.43 20.98 27.14
C GLU A 231 25.73 19.81 27.83
N ASN A 232 24.93 20.11 28.85
CA ASN A 232 24.22 19.09 29.61
C ASN A 232 22.83 18.76 29.06
N GLY A 233 22.58 19.11 27.80
CA GLY A 233 21.31 18.83 27.16
C GLY A 233 21.49 18.31 25.73
N VAL A 234 20.76 17.25 25.39
CA VAL A 234 20.75 16.71 24.04
C VAL A 234 19.34 16.27 23.66
N GLY A 235 18.98 16.47 22.40
CA GLY A 235 17.69 16.05 21.87
C GLY A 235 17.85 15.02 20.75
N TYR A 236 16.98 14.00 20.77
CA TYR A 236 16.90 13.03 19.69
C TYR A 236 15.53 13.17 19.01
N CYS A 237 15.56 13.25 17.68
CA CYS A 237 14.35 13.33 16.86
C CYS A 237 14.49 12.40 15.65
N PRO A 238 13.41 11.72 15.22
CA PRO A 238 13.41 11.06 13.92
C PRO A 238 13.30 12.06 12.78
N SER A 239 13.81 11.69 11.59
CA SER A 239 13.80 12.57 10.44
C SER A 239 12.37 12.85 9.98
N LYS A 240 11.48 11.87 10.20
CA LYS A 240 10.07 12.01 9.86
C LYS A 240 9.36 13.05 10.72
N TRP A 241 9.90 13.33 11.91
CA TRP A 241 9.42 14.41 12.76
C TRP A 241 10.57 15.29 13.24
N ALA A 242 11.29 15.89 12.28
CA ALA A 242 12.47 16.69 12.59
C ALA A 242 12.08 18.09 13.07
N PRO A 243 12.91 18.74 13.92
CA PRO A 243 12.66 20.12 14.33
C PRO A 243 13.22 21.15 13.35
N PRO A 244 12.90 22.45 13.52
CA PRO A 244 13.55 23.50 12.77
C PRO A 244 15.03 23.67 13.12
N ALA A 245 15.77 24.39 12.28
CA ALA A 245 17.20 24.56 12.43
C ALA A 245 17.61 25.18 13.77
N LYS A 246 16.72 26.02 14.32
CA LYS A 246 16.94 26.69 15.60
C LYS A 246 17.24 25.74 16.77
N TYR A 247 16.72 24.51 16.68
CA TYR A 247 16.98 23.48 17.67
C TYR A 247 17.85 22.37 17.10
N PRO A 248 19.19 22.40 17.29
CA PRO A 248 20.05 21.27 16.93
C PRO A 248 19.73 20.01 17.72
N VAL A 249 19.54 18.90 16.99
CA VAL A 249 19.27 17.60 17.58
C VAL A 249 20.02 16.53 16.79
N ILE A 250 20.01 15.30 17.30
CA ILE A 250 20.56 14.16 16.58
C ILE A 250 19.42 13.46 15.84
N ILE A 251 19.55 13.38 14.51
CA ILE A 251 18.50 12.85 13.64
C ILE A 251 18.68 11.35 13.41
N ASP A 252 17.59 10.59 13.56
CA ASP A 252 17.58 9.16 13.27
C ASP A 252 18.79 8.43 13.84
N ALA A 253 19.03 8.62 15.14
CA ALA A 253 20.05 7.83 15.84
C ALA A 253 19.52 6.41 16.02
N PRO A 254 20.36 5.36 15.86
CA PRO A 254 19.96 4.01 16.23
C PRO A 254 19.40 3.96 17.64
N HIS A 255 18.20 3.36 17.78
CA HIS A 255 17.52 3.33 19.06
C HIS A 255 18.42 2.81 20.18
N SER A 256 19.21 1.76 19.87
CA SER A 256 20.13 1.17 20.83
C SER A 256 21.11 2.18 21.42
N GLU A 257 21.58 3.13 20.58
CA GLU A 257 22.51 4.15 21.03
C GLU A 257 21.85 5.16 21.98
N ILE A 258 20.58 5.48 21.72
CA ILE A 258 19.82 6.37 22.57
C ILE A 258 19.67 5.74 23.95
N MET A 259 19.27 4.46 23.96
CA MET A 259 19.05 3.71 25.18
C MET A 259 20.34 3.59 25.99
N GLU A 260 21.45 3.33 25.29
CA GLU A 260 22.75 3.22 25.92
C GLU A 260 23.13 4.53 26.60
N ARG A 261 22.90 5.65 25.89
CA ARG A 261 23.20 6.96 26.43
C ARG A 261 22.33 7.28 27.64
N LEU A 262 21.06 6.83 27.56
CA LEU A 262 20.06 7.12 28.58
C LEU A 262 20.44 6.54 29.94
N LYS A 263 21.21 5.44 29.95
CA LYS A 263 21.59 4.77 31.19
C LYS A 263 22.27 5.66 32.22
N THR A 264 23.06 6.64 31.75
CA THR A 264 23.79 7.53 32.64
C THR A 264 23.25 8.97 32.66
N ALA A 265 22.04 9.16 32.13
CA ALA A 265 21.41 10.47 32.10
C ALA A 265 20.84 10.83 33.47
N LYS A 266 20.88 12.14 33.80
CA LYS A 266 20.33 12.65 35.04
C LYS A 266 18.81 12.61 35.03
N ALA A 267 18.21 12.90 33.86
CA ALA A 267 16.77 12.93 33.71
C ALA A 267 16.36 12.80 32.25
N LEU A 268 15.07 12.50 32.04
CA LEU A 268 14.46 12.50 30.73
C LEU A 268 13.43 13.63 30.65
N ILE A 269 13.51 14.41 29.57
CA ILE A 269 12.51 15.43 29.29
C ILE A 269 11.33 14.76 28.57
N ASN A 270 10.13 14.96 29.14
CA ASN A 270 8.88 14.56 28.50
C ASN A 270 7.89 15.71 28.63
N THR A 271 7.47 16.26 27.49
CA THR A 271 6.65 17.46 27.45
C THR A 271 5.26 17.26 26.85
N CYS A 272 4.79 15.99 26.80
CA CYS A 272 3.42 15.69 26.40
C CYS A 272 2.51 15.79 27.62
N PRO A 273 1.69 16.86 27.75
CA PRO A 273 0.88 17.05 28.96
C PRO A 273 -0.51 16.42 28.92
N ASP A 274 -1.08 16.32 27.70
CA ASP A 274 -2.49 16.01 27.45
C ASP A 274 -2.82 14.55 27.18
N THR A 275 -1.96 13.88 26.41
CA THR A 275 -2.28 12.58 25.84
C THR A 275 -1.25 11.53 26.26
N GLY A 276 -0.81 11.59 27.53
CA GLY A 276 0.13 10.64 28.07
C GLY A 276 -0.52 9.29 28.37
N THR A 277 -0.77 8.50 27.31
CA THR A 277 -1.50 7.25 27.42
C THR A 277 -0.60 6.04 27.60
N VAL A 278 0.52 6.03 26.86
CA VAL A 278 1.49 4.95 26.89
C VAL A 278 2.87 5.48 27.29
N GLU A 279 3.38 6.44 26.51
CA GLU A 279 4.63 7.12 26.80
C GLU A 279 5.79 6.14 26.96
N ASN A 280 6.25 5.59 25.83
CA ASN A 280 7.30 4.59 25.82
C ASN A 280 8.65 5.12 26.31
N SER A 281 8.98 6.37 25.96
CA SER A 281 10.27 6.94 26.34
C SER A 281 10.37 7.12 27.86
N SER A 282 9.22 7.32 28.53
CA SER A 282 9.18 7.40 29.98
C SER A 282 9.58 6.08 30.65
N ILE A 283 8.98 4.97 30.20
CA ILE A 283 9.29 3.67 30.76
C ILE A 283 10.69 3.21 30.33
N GLU A 284 11.13 3.65 29.15
CA GLU A 284 12.49 3.41 28.70
C GLU A 284 13.49 4.00 29.69
N ALA A 285 13.20 5.22 30.15
CA ALA A 285 14.06 5.93 31.10
C ALA A 285 13.98 5.33 32.50
N ILE A 286 12.75 5.18 33.02
CA ILE A 286 12.52 4.78 34.39
C ILE A 286 13.00 3.35 34.66
N SER A 287 12.91 2.48 33.64
CA SER A 287 13.41 1.11 33.75
C SER A 287 14.92 1.06 33.96
N LYS A 288 15.62 2.11 33.52
CA LYS A 288 17.06 2.26 33.73
C LYS A 288 17.39 3.11 34.96
N GLY A 289 16.35 3.49 35.71
CA GLY A 289 16.50 4.31 36.90
C GLY A 289 16.45 5.81 36.66
N VAL A 290 16.30 6.22 35.39
CA VAL A 290 16.32 7.63 35.03
C VAL A 290 14.96 8.27 35.29
N PRO A 291 14.90 9.39 36.06
CA PRO A 291 13.64 10.07 36.32
C PRO A 291 13.14 10.88 35.12
N VAL A 292 11.82 11.09 35.08
CA VAL A 292 11.21 11.91 34.04
C VAL A 292 10.81 13.26 34.65
N ILE A 293 11.11 14.34 33.94
CA ILE A 293 10.61 15.67 34.27
C ILE A 293 9.38 15.90 33.40
N GLN A 294 8.19 15.72 34.00
CA GLN A 294 6.96 15.57 33.25
C GLN A 294 6.10 16.83 33.24
N LEU A 295 5.96 17.45 32.07
CA LEU A 295 4.96 18.49 31.85
C LEU A 295 3.60 17.80 31.74
N VAL A 296 2.61 18.32 32.49
CA VAL A 296 1.30 17.69 32.56
C VAL A 296 0.22 18.73 32.86
N PHE A 297 -1.01 18.45 32.38
CA PHE A 297 -2.18 19.22 32.77
C PHE A 297 -2.61 18.84 34.19
N LYS A 298 -3.16 19.81 34.92
CA LYS A 298 -3.72 19.56 36.24
C LYS A 298 -4.90 18.61 36.12
N ASP A 299 -4.96 17.63 37.05
CA ASP A 299 -6.03 16.65 37.13
C ASP A 299 -6.17 15.74 35.90
N TYR A 300 -5.12 15.68 35.07
CA TYR A 300 -5.08 14.77 33.95
C TYR A 300 -4.33 13.50 34.32
N PRO A 301 -4.76 12.31 33.85
CA PRO A 301 -3.94 11.11 33.97
C PRO A 301 -2.70 11.17 33.09
N HIS A 302 -1.68 10.40 33.45
CA HIS A 302 -0.45 10.31 32.67
C HIS A 302 0.29 9.03 33.01
N ALA A 303 0.81 8.35 31.98
CA ALA A 303 1.45 7.06 32.14
C ALA A 303 2.74 7.14 32.94
N THR A 304 3.42 8.31 32.88
CA THR A 304 4.66 8.50 33.59
C THR A 304 4.48 8.28 35.09
N PHE A 305 3.40 8.86 35.65
CA PHE A 305 3.13 8.78 37.08
C PHE A 305 2.76 7.37 37.51
N GLU A 306 2.29 6.56 36.56
CA GLU A 306 2.05 5.15 36.78
C GLU A 306 3.35 4.36 36.87
N TYR A 307 4.29 4.64 35.95
CA TYR A 307 5.58 3.98 35.95
C TYR A 307 6.43 4.39 37.16
N ASP A 308 6.35 5.67 37.53
CA ASP A 308 7.01 6.18 38.72
C ASP A 308 6.09 7.17 39.44
N PRO A 309 5.41 6.75 40.53
CA PRO A 309 4.54 7.64 41.29
C PRO A 309 5.19 8.95 41.76
N ASP A 310 6.50 8.89 42.06
CA ASP A 310 7.20 10.03 42.63
C ASP A 310 7.73 11.02 41.59
N THR A 311 7.36 10.84 40.32
CA THR A 311 7.77 11.72 39.25
C THR A 311 7.47 13.18 39.56
N VAL A 312 8.42 14.06 39.22
CA VAL A 312 8.23 15.50 39.41
C VAL A 312 7.31 16.03 38.31
N ARG A 313 6.25 16.75 38.72
CA ARG A 313 5.27 17.29 37.80
C ARG A 313 5.47 18.80 37.61
N VAL A 314 5.60 19.21 36.34
CA VAL A 314 5.50 20.61 35.95
C VAL A 314 4.06 20.81 35.46
N GLU A 315 3.26 21.50 36.29
CA GLU A 315 1.81 21.51 36.14
C GLU A 315 1.32 22.75 35.40
N ILE A 316 0.49 22.53 34.38
CA ILE A 316 -0.09 23.60 33.57
C ILE A 316 -1.55 23.29 33.28
N ASP A 317 -2.18 24.13 32.46
CA ASP A 317 -3.47 23.83 31.84
C ASP A 317 -3.46 24.36 30.40
N PHE A 318 -4.59 24.22 29.70
CA PHE A 318 -4.66 24.53 28.28
C PHE A 318 -4.52 26.03 27.98
N SER A 319 -4.80 26.88 28.98
CA SER A 319 -4.76 28.32 28.79
C SER A 319 -3.39 28.93 29.07
N THR A 320 -2.47 28.15 29.67
CA THR A 320 -1.13 28.65 29.97
C THR A 320 -0.41 29.02 28.67
N PRO A 321 0.01 30.29 28.50
CA PRO A 321 0.73 30.69 27.28
C PRO A 321 2.05 29.94 27.09
N LYS A 322 2.41 29.69 25.82
CA LYS A 322 3.65 29.02 25.49
C LYS A 322 4.86 29.69 26.13
N LYS A 323 4.85 31.02 26.17
CA LYS A 323 5.94 31.79 26.72
C LYS A 323 6.17 31.44 28.19
N GLU A 324 5.08 31.31 28.95
CA GLU A 324 5.14 30.91 30.35
C GLU A 324 5.53 29.45 30.53
N VAL A 325 4.95 28.57 29.70
CA VAL A 325 5.18 27.14 29.80
C VAL A 325 6.66 26.83 29.62
N VAL A 326 7.30 27.51 28.65
CA VAL A 326 8.71 27.33 28.38
C VAL A 326 9.53 27.73 29.61
N ALA A 327 9.26 28.92 30.15
CA ALA A 327 9.98 29.44 31.30
C ALA A 327 9.80 28.52 32.51
N LEU A 328 8.56 28.10 32.78
CA LEU A 328 8.25 27.26 33.91
C LEU A 328 8.92 25.88 33.81
N TYR A 329 8.92 25.31 32.60
CA TYR A 329 9.51 24.00 32.37
C TYR A 329 11.03 24.08 32.39
N THR A 330 11.60 25.11 31.77
CA THR A 330 13.03 25.32 31.77
C THR A 330 13.56 25.48 33.20
N LYS A 331 12.76 26.15 34.04
CA LYS A 331 13.12 26.36 35.44
C LYS A 331 13.21 25.04 36.20
N ALA A 332 12.24 24.16 35.96
CA ALA A 332 12.21 22.84 36.58
C ALA A 332 13.40 21.97 36.14
N VAL A 333 13.78 22.08 34.86
CA VAL A 333 14.86 21.29 34.30
C VAL A 333 16.21 21.70 34.88
N LEU A 334 16.50 23.00 34.86
CA LEU A 334 17.77 23.52 35.36
C LEU A 334 17.93 23.31 36.87
N GLU A 335 16.82 23.32 37.61
CA GLU A 335 16.85 23.14 39.05
C GLU A 335 16.69 21.69 39.51
N PHE A 336 16.64 20.75 38.56
CA PHE A 336 16.38 19.36 38.89
C PHE A 336 17.53 18.72 39.67
N THR A 337 17.18 18.09 40.81
CA THR A 337 18.10 17.26 41.58
C THR A 337 17.48 15.88 41.77
N ASP A 338 18.34 14.85 41.96
CA ASP A 338 17.87 13.49 42.12
C ASP A 338 18.97 12.60 42.71
N THR A 339 18.59 11.75 43.68
CA THR A 339 19.54 10.89 44.37
C THR A 339 19.74 9.58 43.61
N TYR A 340 20.85 8.89 43.91
CA TYR A 340 21.13 7.59 43.32
C TYR A 340 20.16 6.53 43.85
N GLU A 341 19.77 6.67 45.12
CA GLU A 341 18.85 5.73 45.75
C GLU A 341 17.48 5.77 45.06
N ALA A 342 17.05 6.98 44.67
CA ALA A 342 15.80 7.17 43.97
C ALA A 342 15.81 6.53 42.57
N ARG A 343 16.99 6.48 41.94
CA ARG A 343 17.15 5.81 40.66
C ARG A 343 16.98 4.30 40.85
N VAL A 344 17.63 3.74 41.87
CA VAL A 344 17.52 2.33 42.18
C VAL A 344 16.05 1.98 42.47
N LYS A 345 15.40 2.82 43.29
CA LYS A 345 14.03 2.58 43.70
C LYS A 345 13.07 2.47 42.52
N ARG A 346 13.13 3.45 41.61
CA ARG A 346 12.17 3.52 40.51
C ARG A 346 12.44 2.44 39.47
N ALA A 347 13.71 2.06 39.31
CA ALA A 347 14.09 0.97 38.43
C ALA A 347 13.58 -0.38 38.96
N GLU A 348 13.63 -0.53 40.30
CA GLU A 348 13.21 -1.76 40.95
C GLU A 348 11.71 -2.01 40.78
N ALA A 349 10.91 -0.95 41.01
CA ALA A 349 9.46 -1.03 40.90
C ALA A 349 9.04 -1.51 39.51
N VAL A 350 9.64 -0.92 38.48
CA VAL A 350 9.37 -1.27 37.10
C VAL A 350 9.86 -2.67 36.76
N TRP A 351 11.01 -3.05 37.34
CA TRP A 351 11.55 -4.39 37.17
C TRP A 351 10.61 -5.45 37.77
N LYS A 352 10.05 -5.14 38.95
CA LYS A 352 9.09 -6.01 39.61
C LYS A 352 7.84 -6.24 38.76
N LYS A 353 7.41 -5.19 38.04
CA LYS A 353 6.18 -5.23 37.27
C LYS A 353 6.35 -5.85 35.89
N TYR A 354 7.45 -5.52 35.20
CA TYR A 354 7.59 -5.87 33.80
C TYR A 354 8.72 -6.85 33.47
N ASN A 355 9.21 -7.60 34.47
CA ASN A 355 10.19 -8.64 34.21
C ASN A 355 9.54 -9.73 33.37
N ARG A 356 10.33 -10.44 32.58
CA ARG A 356 9.83 -11.42 31.63
C ARG A 356 8.78 -12.37 32.22
N ASP A 357 9.10 -12.93 33.40
CA ASP A 357 8.23 -13.88 34.07
C ASP A 357 6.91 -13.23 34.50
N ALA A 358 6.97 -11.97 34.93
CA ALA A 358 5.79 -11.20 35.27
C ALA A 358 4.95 -10.87 34.05
N VAL A 359 5.62 -10.62 32.90
CA VAL A 359 4.93 -10.34 31.65
C VAL A 359 4.14 -11.55 31.17
N VAL A 360 4.75 -12.74 31.25
CA VAL A 360 4.07 -13.98 30.92
C VAL A 360 2.82 -14.15 31.79
N ALA A 361 2.98 -13.91 33.09
CA ALA A 361 1.88 -13.98 34.04
C ALA A 361 0.77 -12.99 33.71
N MET A 362 1.14 -11.80 33.23
CA MET A 362 0.18 -10.80 32.80
C MET A 362 -0.64 -11.31 31.62
N TRP A 363 0.05 -11.85 30.60
CA TRP A 363 -0.61 -12.42 29.44
C TRP A 363 -1.53 -13.59 29.82
N ASP A 364 -1.06 -14.41 30.77
CA ASP A 364 -1.81 -15.55 31.24
C ASP A 364 -3.15 -15.14 31.85
N LYS A 365 -3.16 -14.05 32.62
CA LYS A 365 -4.39 -13.55 33.23
C LYS A 365 -5.38 -13.06 32.17
N ILE A 366 -4.86 -12.45 31.11
CA ILE A 366 -5.69 -12.00 30.01
C ILE A 366 -6.28 -13.20 29.28
N PHE A 367 -5.42 -14.16 28.92
CA PHE A 367 -5.84 -15.37 28.22
C PHE A 367 -6.26 -16.48 29.18
N THR A 368 -7.30 -16.18 29.97
CA THR A 368 -7.96 -17.15 30.82
C THR A 368 -9.44 -17.13 30.50
N ALA A 369 -10.06 -18.32 30.47
CA ALA A 369 -11.47 -18.46 30.16
C ALA A 369 -12.32 -18.11 31.39
N HIS B 3 -2.85 -20.51 -3.54
CA HIS B 3 -4.00 -21.40 -3.70
C HIS B 3 -4.23 -21.74 -5.18
N MET B 4 -4.13 -20.74 -6.06
CA MET B 4 -4.27 -20.96 -7.49
C MET B 4 -2.97 -21.60 -8.03
N LYS B 5 -3.14 -22.66 -8.82
CA LYS B 5 -2.04 -23.25 -9.58
C LYS B 5 -2.14 -22.79 -11.04
N VAL B 6 -1.09 -22.09 -11.52
CA VAL B 6 -1.13 -21.45 -12.82
C VAL B 6 0.17 -21.65 -13.59
N MET B 7 0.02 -21.97 -14.89
CA MET B 7 1.15 -22.02 -15.81
C MET B 7 1.19 -20.68 -16.54
N PHE B 8 2.38 -20.07 -16.62
CA PHE B 8 2.54 -18.74 -17.16
C PHE B 8 3.53 -18.76 -18.32
N ILE B 9 3.05 -18.41 -19.53
CA ILE B 9 3.89 -18.32 -20.71
C ILE B 9 4.07 -16.84 -21.06
N PRO B 10 5.28 -16.28 -20.90
CA PRO B 10 5.50 -14.84 -21.02
C PRO B 10 5.61 -14.32 -22.44
N SER B 11 5.73 -13.00 -22.57
CA SER B 11 6.15 -12.35 -23.80
C SER B 11 7.60 -12.72 -24.11
N ARG B 12 7.99 -12.57 -25.38
CA ARG B 12 9.23 -13.15 -25.89
C ARG B 12 10.19 -12.15 -26.53
N ALA B 13 9.94 -10.86 -26.36
CA ALA B 13 10.79 -9.83 -26.94
C ALA B 13 12.00 -9.55 -26.05
N VAL B 14 11.76 -9.45 -24.74
CA VAL B 14 12.81 -9.18 -23.77
C VAL B 14 12.62 -10.05 -22.54
N PRO B 15 13.70 -10.37 -21.78
CA PRO B 15 13.55 -11.09 -20.53
C PRO B 15 12.77 -10.28 -19.49
N PHE B 16 12.09 -10.97 -18.58
CA PHE B 16 11.29 -10.28 -17.58
C PHE B 16 12.16 -9.53 -16.57
N ASN B 17 11.79 -8.27 -16.31
CA ASN B 17 12.37 -7.47 -15.26
C ASN B 17 11.25 -6.69 -14.58
N PRO B 18 11.03 -6.84 -13.25
CA PRO B 18 9.91 -6.17 -12.58
C PRO B 18 10.02 -4.65 -12.55
N ASP B 19 11.24 -4.12 -12.69
CA ASP B 19 11.48 -2.68 -12.62
C ASP B 19 11.41 -2.00 -13.98
N ARG B 20 11.17 -2.78 -15.04
CA ARG B 20 10.98 -2.22 -16.37
C ARG B 20 9.62 -1.53 -16.42
N VAL B 21 9.59 -0.31 -16.98
CA VAL B 21 8.33 0.36 -17.29
C VAL B 21 8.36 0.79 -18.76
N GLN B 22 7.53 0.13 -19.57
CA GLN B 22 7.29 0.53 -20.95
C GLN B 22 5.86 0.16 -21.29
N GLY B 23 5.44 0.48 -22.52
CA GLY B 23 4.11 0.12 -22.99
C GLY B 23 4.08 -1.28 -23.60
N GLY B 24 3.11 -1.48 -24.50
CA GLY B 24 3.01 -2.72 -25.26
C GLY B 24 2.62 -3.92 -24.41
N LEU B 25 3.03 -5.10 -24.89
CA LEU B 25 2.65 -6.37 -24.28
C LEU B 25 3.35 -6.57 -22.94
N GLU B 26 4.55 -5.99 -22.80
CA GLU B 26 5.32 -6.11 -21.57
C GLU B 26 4.57 -5.53 -20.37
N ALA B 27 3.79 -4.46 -20.61
CA ALA B 27 2.98 -3.85 -19.56
C ALA B 27 1.87 -4.80 -19.07
N VAL B 28 1.25 -5.50 -20.03
CA VAL B 28 0.20 -6.45 -19.73
C VAL B 28 0.78 -7.65 -18.98
N HIS B 29 1.88 -8.18 -19.53
CA HIS B 29 2.66 -9.25 -18.90
C HIS B 29 2.91 -8.93 -17.44
N LEU B 30 3.51 -7.77 -17.17
CA LEU B 30 3.87 -7.36 -15.82
C LEU B 30 2.64 -7.32 -14.91
N ASN B 31 1.57 -6.68 -15.39
CA ASN B 31 0.37 -6.45 -14.59
C ASN B 31 -0.34 -7.74 -14.19
N VAL B 32 -0.43 -8.69 -15.13
CA VAL B 32 -1.02 -9.99 -14.85
C VAL B 32 -0.16 -10.77 -13.85
N LEU B 33 1.15 -10.78 -14.08
CA LEU B 33 2.06 -11.50 -13.21
C LEU B 33 2.04 -10.92 -11.80
N LYS B 34 2.14 -9.59 -11.71
CA LYS B 34 2.11 -8.89 -10.44
C LYS B 34 0.87 -9.23 -9.62
N TYR B 35 -0.28 -9.29 -10.29
CA TYR B 35 -1.52 -9.66 -9.62
C TYR B 35 -1.47 -11.09 -9.07
N LEU B 36 -1.05 -12.03 -9.93
CA LEU B 36 -0.96 -13.42 -9.54
C LEU B 36 -0.03 -13.63 -8.35
N VAL B 37 1.10 -12.90 -8.34
CA VAL B 37 2.02 -12.94 -7.22
C VAL B 37 1.38 -12.36 -5.96
N SER B 38 0.59 -11.28 -6.13
CA SER B 38 -0.02 -10.61 -5.00
C SER B 38 -1.00 -11.48 -4.22
N ILE B 39 -1.64 -12.43 -4.93
CA ILE B 39 -2.59 -13.34 -4.31
C ILE B 39 -1.95 -14.69 -3.97
N GLY B 40 -0.62 -14.76 -4.06
CA GLY B 40 0.13 -15.93 -3.63
C GLY B 40 -0.12 -17.16 -4.49
N ALA B 41 -0.32 -16.95 -5.80
CA ALA B 41 -0.52 -18.05 -6.73
C ALA B 41 0.75 -18.89 -6.85
N ASP B 42 0.55 -20.20 -7.04
CA ASP B 42 1.64 -21.12 -7.33
C ASP B 42 1.87 -21.07 -8.82
N ILE B 43 2.94 -20.38 -9.24
CA ILE B 43 3.19 -20.06 -10.63
C ILE B 43 4.35 -20.87 -11.21
N ASP B 44 4.04 -21.73 -12.20
CA ASP B 44 5.07 -22.36 -13.01
C ASP B 44 5.31 -21.49 -14.24
N TYR B 45 6.44 -20.77 -14.23
CA TYR B 45 6.77 -19.77 -15.22
C TYR B 45 7.76 -20.36 -16.22
N ILE B 46 7.29 -20.63 -17.45
CA ILE B 46 8.15 -21.18 -18.49
C ILE B 46 8.79 -20.01 -19.23
N GLY B 47 9.95 -19.56 -18.74
CA GLY B 47 10.59 -18.36 -19.21
C GLY B 47 12.02 -18.55 -19.72
N PHE B 48 12.88 -17.58 -19.38
CA PHE B 48 14.22 -17.47 -19.95
C PHE B 48 15.26 -17.30 -18.84
N ASP B 49 16.44 -17.90 -19.04
CA ASP B 49 17.48 -17.93 -18.03
C ASP B 49 17.84 -16.54 -17.48
N ASN B 50 17.69 -15.51 -18.32
CA ASN B 50 18.02 -14.14 -17.94
C ASN B 50 16.84 -13.33 -17.39
N ASP B 51 15.73 -14.02 -17.05
CA ASP B 51 14.67 -13.42 -16.26
C ASP B 51 15.14 -13.14 -14.84
N THR B 52 14.58 -12.10 -14.23
CA THR B 52 14.76 -11.82 -12.81
C THR B 52 13.40 -11.49 -12.22
N PHE B 53 13.19 -11.91 -10.97
CA PHE B 53 11.91 -11.74 -10.30
C PHE B 53 11.98 -11.05 -8.94
N GLY B 54 13.20 -10.72 -8.48
CA GLY B 54 13.39 -10.18 -7.14
C GLY B 54 12.93 -11.17 -6.07
N ASP B 55 12.07 -10.68 -5.15
CA ASP B 55 11.56 -11.48 -4.05
C ASP B 55 10.30 -12.28 -4.40
N TRP B 56 9.79 -12.11 -5.62
CA TRP B 56 8.56 -12.76 -6.05
C TRP B 56 8.71 -14.28 -6.10
N LYS B 57 7.72 -14.99 -5.54
CA LYS B 57 7.69 -16.44 -5.53
C LYS B 57 7.23 -16.95 -6.89
N VAL B 58 8.17 -17.54 -7.64
CA VAL B 58 7.90 -18.10 -8.95
C VAL B 58 8.75 -19.36 -9.12
N THR B 59 8.12 -20.47 -9.52
CA THR B 59 8.85 -21.67 -9.90
C THR B 59 9.22 -21.51 -11.37
N HIS B 60 10.53 -21.32 -11.62
CA HIS B 60 11.02 -20.95 -12.94
C HIS B 60 11.45 -22.17 -13.75
N HIS B 61 11.02 -22.21 -15.02
CA HIS B 61 11.38 -23.29 -15.94
C HIS B 61 12.03 -22.68 -17.18
N PRO B 62 13.37 -22.44 -17.17
CA PRO B 62 14.02 -21.74 -18.27
C PRO B 62 14.12 -22.58 -19.54
N VAL B 63 13.97 -21.92 -20.70
CA VAL B 63 14.11 -22.58 -21.99
C VAL B 63 15.31 -22.07 -22.78
N GLY B 64 16.18 -21.28 -22.13
CA GLY B 64 17.34 -20.70 -22.78
C GLY B 64 17.51 -19.20 -22.51
N HIS B 65 18.72 -18.70 -22.79
CA HIS B 65 19.04 -17.28 -22.67
C HIS B 65 18.42 -16.52 -23.83
N LEU B 66 17.60 -15.51 -23.52
CA LEU B 66 16.86 -14.78 -24.54
C LEU B 66 17.61 -13.54 -25.03
N THR B 67 17.91 -13.51 -26.32
CA THR B 67 18.29 -12.30 -27.03
C THR B 67 17.25 -12.12 -28.15
N LYS B 68 17.25 -13.07 -29.10
CA LYS B 68 16.17 -13.21 -30.06
C LYS B 68 15.57 -14.59 -29.84
N PHE B 69 14.24 -14.65 -29.70
CA PHE B 69 13.54 -15.89 -29.46
C PHE B 69 13.76 -16.82 -30.64
N SER B 70 14.17 -18.07 -30.36
CA SER B 70 14.56 -19.01 -31.40
C SER B 70 13.60 -20.20 -31.49
N LEU B 71 13.77 -20.98 -32.56
CA LEU B 71 12.96 -22.16 -32.81
C LEU B 71 13.17 -23.20 -31.71
N GLY B 72 14.45 -23.45 -31.38
CA GLY B 72 14.83 -24.38 -30.34
C GLY B 72 14.16 -24.04 -29.01
N MET B 73 14.16 -22.75 -28.65
CA MET B 73 13.51 -22.26 -27.45
C MET B 73 12.01 -22.55 -27.46
N SER B 74 11.39 -22.36 -28.62
CA SER B 74 9.95 -22.56 -28.78
C SER B 74 9.56 -24.02 -28.56
N TYR B 75 10.34 -24.93 -29.15
CA TYR B 75 10.08 -26.36 -28.99
C TYR B 75 10.39 -26.84 -27.58
N THR B 76 11.42 -26.27 -26.95
CA THR B 76 11.70 -26.53 -25.55
C THR B 76 10.49 -26.12 -24.71
N MET B 77 9.98 -24.91 -24.98
CA MET B 77 8.85 -24.36 -24.25
C MET B 77 7.61 -25.25 -24.43
N ALA B 78 7.31 -25.61 -25.68
CA ALA B 78 6.16 -26.44 -25.98
C ALA B 78 6.25 -27.81 -25.30
N ARG B 79 7.46 -28.39 -25.31
CA ARG B 79 7.71 -29.65 -24.65
C ARG B 79 7.48 -29.56 -23.15
N LYS B 80 7.95 -28.46 -22.55
CA LYS B 80 7.80 -28.23 -21.11
C LYS B 80 6.33 -28.07 -20.71
N ILE B 81 5.54 -27.38 -21.54
CA ILE B 81 4.12 -27.23 -21.30
C ILE B 81 3.45 -28.59 -21.10
N VAL B 82 3.70 -29.51 -22.03
CA VAL B 82 3.08 -30.83 -22.02
C VAL B 82 3.58 -31.64 -20.82
N GLU B 83 4.88 -31.55 -20.54
CA GLU B 83 5.47 -32.24 -19.40
C GLU B 83 4.79 -31.85 -18.10
N LEU B 84 4.79 -30.54 -17.81
CA LEU B 84 4.26 -30.01 -16.57
C LEU B 84 2.78 -30.31 -16.37
N ALA B 85 2.01 -30.22 -17.46
CA ALA B 85 0.58 -30.49 -17.43
C ALA B 85 0.27 -31.95 -17.08
N GLY B 86 1.24 -32.84 -17.33
CA GLY B 86 1.13 -34.24 -16.96
C GLY B 86 1.25 -34.52 -15.46
N ILE B 87 2.04 -33.70 -14.76
CA ILE B 87 2.29 -33.93 -13.33
C ILE B 87 1.60 -32.93 -12.40
N HIS B 88 1.04 -31.85 -12.95
CA HIS B 88 0.33 -30.86 -12.15
C HIS B 88 -1.07 -30.61 -12.70
N GLU B 89 -2.02 -30.30 -11.80
CA GLU B 89 -3.36 -29.92 -12.18
C GLU B 89 -3.49 -28.40 -12.13
N TYR B 90 -3.45 -27.78 -13.31
CA TYR B 90 -3.48 -26.33 -13.43
C TYR B 90 -4.91 -25.81 -13.47
N ASP B 91 -5.17 -24.77 -12.68
CA ASP B 91 -6.44 -24.07 -12.70
C ASP B 91 -6.55 -23.23 -13.97
N PHE B 92 -5.42 -22.62 -14.36
CA PHE B 92 -5.36 -21.76 -15.54
C PHE B 92 -3.99 -21.84 -16.20
N VAL B 93 -3.94 -21.52 -17.49
CA VAL B 93 -2.68 -21.26 -18.18
C VAL B 93 -2.80 -19.85 -18.76
N VAL B 94 -1.79 -19.01 -18.46
CA VAL B 94 -1.76 -17.63 -18.92
C VAL B 94 -0.77 -17.48 -20.06
N THR B 95 -1.18 -16.72 -21.09
CA THR B 95 -0.33 -16.47 -22.25
C THR B 95 -0.33 -14.99 -22.65
N MET B 96 0.74 -14.62 -23.35
CA MET B 96 0.96 -13.27 -23.84
C MET B 96 1.23 -13.36 -25.34
N GLU B 97 0.15 -13.31 -26.15
CA GLU B 97 0.25 -13.40 -27.60
C GLU B 97 1.17 -14.55 -28.02
N PRO B 98 0.78 -15.82 -27.78
CA PRO B 98 1.67 -16.95 -27.96
C PRO B 98 1.85 -17.39 -29.41
N THR B 99 2.87 -18.23 -29.62
CA THR B 99 3.13 -18.84 -30.92
C THR B 99 2.11 -19.93 -31.24
N LYS B 100 2.08 -20.33 -32.51
CA LYS B 100 1.27 -21.46 -32.96
C LYS B 100 1.59 -22.70 -32.13
N LEU B 101 2.89 -22.92 -31.89
CA LEU B 101 3.37 -24.10 -31.20
C LEU B 101 2.90 -24.16 -29.74
N THR B 102 2.92 -23.01 -29.06
CA THR B 102 2.43 -22.90 -27.69
C THR B 102 0.94 -23.21 -27.61
N VAL B 103 0.15 -22.61 -28.52
CA VAL B 103 -1.29 -22.80 -28.54
C VAL B 103 -1.64 -24.28 -28.78
N GLN B 104 -0.92 -24.92 -29.70
CA GLN B 104 -1.10 -26.34 -29.97
C GLN B 104 -0.70 -27.18 -28.75
N ALA B 105 0.38 -26.79 -28.08
CA ALA B 105 0.85 -27.51 -26.90
C ALA B 105 -0.17 -27.44 -25.77
N ILE B 106 -0.76 -26.25 -25.56
CA ILE B 106 -1.82 -26.07 -24.58
C ILE B 106 -3.01 -27.00 -24.85
N LYS B 107 -3.35 -27.18 -26.14
CA LYS B 107 -4.45 -28.05 -26.52
C LYS B 107 -4.12 -29.52 -26.23
N ASP B 108 -2.95 -29.96 -26.68
CA ASP B 108 -2.48 -31.32 -26.47
C ASP B 108 -2.31 -31.66 -24.99
N ALA B 109 -1.96 -30.65 -24.19
CA ALA B 109 -1.81 -30.79 -22.75
C ALA B 109 -3.14 -30.86 -22.02
N GLY B 110 -4.23 -30.54 -22.72
CA GLY B 110 -5.58 -30.59 -22.16
C GLY B 110 -5.93 -29.34 -21.34
N LEU B 111 -5.33 -28.20 -21.70
CA LEU B 111 -5.50 -26.96 -20.96
C LEU B 111 -6.21 -25.87 -21.75
N SER B 112 -6.75 -26.22 -22.93
CA SER B 112 -7.35 -25.23 -23.82
C SER B 112 -8.53 -24.48 -23.21
N LYS B 113 -9.29 -25.16 -22.35
CA LYS B 113 -10.51 -24.59 -21.78
C LYS B 113 -10.26 -23.75 -20.53
N VAL B 114 -9.03 -23.78 -20.01
CA VAL B 114 -8.63 -22.91 -18.91
C VAL B 114 -7.56 -21.92 -19.38
N HIS B 115 -7.46 -21.73 -20.70
CA HIS B 115 -6.47 -20.84 -21.29
C HIS B 115 -6.96 -19.40 -21.24
N LYS B 116 -6.15 -18.53 -20.61
CA LYS B 116 -6.41 -17.10 -20.54
C LYS B 116 -5.31 -16.36 -21.29
N ASN B 117 -5.67 -15.73 -22.42
CA ASN B 117 -4.71 -15.03 -23.25
C ASN B 117 -4.93 -13.52 -23.16
N PHE B 118 -3.82 -12.77 -23.18
CA PHE B 118 -3.87 -11.31 -23.09
C PHE B 118 -3.12 -10.69 -24.27
N MET B 119 -3.68 -9.60 -24.80
CA MET B 119 -3.19 -9.00 -26.03
C MET B 119 -2.93 -7.50 -25.90
N ALA B 120 -2.10 -6.97 -26.80
CA ALA B 120 -1.82 -5.55 -26.86
C ALA B 120 -1.45 -5.05 -28.26
N THR B 121 -0.96 -5.95 -29.12
CA THR B 121 -0.47 -5.57 -30.44
C THR B 121 -1.62 -5.43 -31.44
N PRO B 122 -1.82 -4.23 -32.02
CA PRO B 122 -2.81 -4.06 -33.08
C PRO B 122 -2.55 -4.93 -34.30
N PHE B 123 -3.63 -5.29 -35.01
CA PHE B 123 -3.55 -6.06 -36.24
C PHE B 123 -3.01 -5.18 -37.36
N GLU B 124 -1.91 -5.64 -37.98
CA GLU B 124 -1.24 -4.94 -39.05
C GLU B 124 -1.00 -5.92 -40.19
N PRO B 125 -1.87 -5.95 -41.23
CA PRO B 125 -1.80 -6.96 -42.28
C PRO B 125 -0.47 -7.03 -43.03
N VAL B 126 0.28 -5.92 -43.06
CA VAL B 126 1.54 -5.85 -43.78
C VAL B 126 2.66 -6.62 -43.09
N SER B 127 2.53 -6.84 -41.77
CA SER B 127 3.54 -7.50 -40.98
C SER B 127 3.27 -9.00 -40.83
N ARG B 128 4.13 -9.82 -41.43
CA ARG B 128 4.02 -11.27 -41.34
C ARG B 128 3.88 -11.75 -39.90
N GLY B 129 4.73 -11.22 -39.01
CA GLY B 129 4.74 -11.60 -37.61
C GLY B 129 3.44 -11.33 -36.87
N ILE B 130 2.83 -10.18 -37.13
CA ILE B 130 1.59 -9.78 -36.47
C ILE B 130 0.40 -10.57 -37.01
N VAL B 131 0.45 -10.94 -38.29
CA VAL B 131 -0.58 -11.79 -38.88
C VAL B 131 -0.60 -13.14 -38.16
N GLN B 132 0.59 -13.68 -37.88
CA GLN B 132 0.72 -14.92 -37.13
C GLN B 132 0.11 -14.81 -35.74
N ILE B 133 0.37 -13.68 -35.06
CA ILE B 133 -0.18 -13.42 -33.74
C ILE B 133 -1.71 -13.55 -33.76
N TRP B 134 -2.35 -12.83 -34.68
CA TRP B 134 -3.80 -12.80 -34.76
C TRP B 134 -4.41 -14.08 -35.35
N ASP B 135 -3.65 -14.73 -36.25
CA ASP B 135 -4.02 -16.06 -36.72
C ASP B 135 -4.23 -16.99 -35.52
N GLN B 136 -3.31 -16.93 -34.55
CA GLN B 136 -3.38 -17.78 -33.38
C GLN B 136 -4.42 -17.31 -32.37
N THR B 137 -4.76 -16.01 -32.37
CA THR B 137 -5.86 -15.51 -31.57
C THR B 137 -7.15 -16.18 -32.05
N ILE B 138 -7.28 -16.35 -33.37
CA ILE B 138 -8.41 -17.07 -33.95
C ILE B 138 -8.38 -18.53 -33.51
N GLN B 139 -7.19 -19.14 -33.53
CA GLN B 139 -7.03 -20.54 -33.16
C GLN B 139 -7.39 -20.79 -31.70
N ILE B 140 -7.00 -19.85 -30.82
CA ILE B 140 -7.34 -19.92 -29.41
C ILE B 140 -8.86 -19.93 -29.22
N HIS B 141 -9.57 -19.13 -30.02
CA HIS B 141 -11.02 -19.08 -29.94
C HIS B 141 -11.66 -20.38 -30.41
N LYS B 142 -11.13 -20.95 -31.50
CA LYS B 142 -11.58 -22.24 -32.00
C LYS B 142 -11.35 -23.36 -30.98
N ASN B 143 -10.19 -23.33 -30.32
CA ASN B 143 -9.82 -24.33 -29.32
C ASN B 143 -10.60 -24.20 -28.02
N GLY B 144 -11.23 -23.04 -27.81
CA GLY B 144 -12.06 -22.81 -26.64
C GLY B 144 -11.36 -22.06 -25.51
N GLY B 145 -10.21 -21.45 -25.81
CA GLY B 145 -9.56 -20.52 -24.90
C GLY B 145 -10.23 -19.14 -24.97
N LYS B 146 -9.80 -18.23 -24.09
CA LYS B 146 -10.37 -16.90 -24.05
C LYS B 146 -9.27 -15.83 -24.08
N SER B 147 -9.49 -14.81 -24.92
CA SER B 147 -8.58 -13.67 -25.02
C SER B 147 -9.22 -12.41 -24.43
N TYR B 148 -8.37 -11.55 -23.86
CA TYR B 148 -8.84 -10.39 -23.12
C TYR B 148 -8.11 -9.12 -23.61
N ALA B 149 -8.90 -8.07 -23.84
CA ALA B 149 -8.36 -6.79 -24.29
C ALA B 149 -8.30 -5.81 -23.12
N PRO B 150 -7.27 -4.94 -23.04
CA PRO B 150 -7.20 -3.93 -21.98
C PRO B 150 -8.32 -2.90 -22.02
N THR B 151 -8.80 -2.55 -23.23
CA THR B 151 -9.79 -1.52 -23.38
C THR B 151 -10.94 -1.90 -24.31
N LYS B 152 -12.06 -1.17 -24.16
CA LYS B 152 -13.17 -1.23 -25.09
C LYS B 152 -12.77 -0.73 -26.47
N ALA B 153 -11.85 0.25 -26.50
CA ALA B 153 -11.28 0.76 -27.74
C ALA B 153 -10.65 -0.36 -28.58
N PHE B 154 -9.90 -1.22 -27.90
CA PHE B 154 -9.23 -2.34 -28.56
C PHE B 154 -10.24 -3.34 -29.11
N ARG B 155 -11.34 -3.54 -28.37
CA ARG B 155 -12.41 -4.43 -28.81
C ARG B 155 -13.15 -3.89 -30.03
N GLU B 156 -13.29 -2.55 -30.10
CA GLU B 156 -13.88 -1.90 -31.27
C GLU B 156 -12.97 -2.02 -32.49
N PHE B 157 -11.66 -1.82 -32.26
CA PHE B 157 -10.66 -2.02 -33.29
C PHE B 157 -10.67 -3.43 -33.87
N GLU B 158 -10.94 -4.42 -33.02
CA GLU B 158 -10.98 -5.82 -33.43
C GLU B 158 -12.09 -6.09 -34.45
N ARG B 159 -13.21 -5.36 -34.33
CA ARG B 159 -14.29 -5.47 -35.29
C ARG B 159 -13.99 -4.77 -36.61
N LYS B 160 -12.96 -3.90 -36.62
CA LYS B 160 -12.42 -3.35 -37.84
C LYS B 160 -11.34 -4.27 -38.44
N TYR B 161 -10.59 -4.95 -37.57
CA TYR B 161 -9.51 -5.82 -38.00
C TYR B 161 -9.98 -7.00 -38.87
N CYS B 162 -11.18 -7.50 -38.62
CA CYS B 162 -11.66 -8.64 -39.39
C CYS B 162 -11.92 -8.34 -40.86
N HIS B 163 -11.95 -7.04 -41.25
CA HIS B 163 -12.14 -6.67 -42.64
C HIS B 163 -10.88 -6.14 -43.32
N MET B 164 -9.74 -6.22 -42.62
CA MET B 164 -8.47 -5.76 -43.14
C MET B 164 -7.70 -6.95 -43.73
N THR B 165 -7.26 -6.79 -44.99
CA THR B 165 -6.55 -7.84 -45.71
C THR B 165 -5.26 -7.34 -46.36
N SER B 166 -4.44 -8.29 -46.81
CA SER B 166 -3.23 -8.01 -47.57
C SER B 166 -2.79 -9.27 -48.30
N ALA B 167 -1.60 -9.22 -48.92
CA ALA B 167 -1.03 -10.38 -49.59
C ALA B 167 -0.61 -11.48 -48.61
N LEU B 168 -0.44 -11.09 -47.33
CA LEU B 168 0.06 -12.00 -46.31
C LEU B 168 -1.04 -12.70 -45.51
N THR B 169 -2.30 -12.39 -45.82
CA THR B 169 -3.43 -12.83 -45.03
C THR B 169 -4.33 -13.87 -45.69
N ASP B 170 -3.81 -14.58 -46.71
CA ASP B 170 -4.60 -15.55 -47.44
C ASP B 170 -5.00 -16.76 -46.58
N LYS B 171 -4.14 -17.11 -45.61
CA LYS B 171 -4.39 -18.24 -44.72
C LYS B 171 -5.43 -17.94 -43.64
N ILE B 172 -5.59 -16.65 -43.29
CA ILE B 172 -6.50 -16.23 -42.22
C ILE B 172 -7.93 -16.66 -42.52
N ASP B 173 -8.57 -17.29 -41.54
CA ASP B 173 -9.96 -17.71 -41.66
C ASP B 173 -10.86 -16.52 -41.35
N TYR B 174 -11.07 -15.67 -42.36
CA TYR B 174 -11.87 -14.47 -42.23
C TYR B 174 -13.36 -14.75 -42.02
N ASP B 175 -13.85 -15.86 -42.58
CA ASP B 175 -15.23 -16.26 -42.37
C ASP B 175 -15.52 -16.48 -40.89
N TYR B 176 -14.65 -17.23 -40.20
CA TYR B 176 -14.78 -17.48 -38.78
C TYR B 176 -14.62 -16.20 -37.96
N TRP B 177 -13.61 -15.40 -38.31
CA TRP B 177 -13.27 -14.19 -37.57
C TRP B 177 -14.42 -13.18 -37.59
N ARG B 178 -14.93 -12.90 -38.80
CA ARG B 178 -16.02 -11.95 -38.98
C ARG B 178 -17.26 -12.33 -38.17
N ALA B 179 -17.47 -13.64 -37.95
CA ALA B 179 -18.62 -14.13 -37.21
C ALA B 179 -18.38 -14.34 -35.71
N ASN B 180 -17.13 -14.20 -35.28
CA ASN B 180 -16.77 -14.41 -33.88
C ASN B 180 -15.83 -13.33 -33.34
N PRO B 181 -16.33 -12.33 -32.59
CA PRO B 181 -15.46 -11.44 -31.83
C PRO B 181 -14.53 -12.21 -30.89
N LEU B 182 -13.21 -12.01 -31.10
CA LEU B 182 -12.20 -12.83 -30.47
C LEU B 182 -11.99 -12.49 -28.98
N PHE B 183 -12.31 -11.25 -28.61
CA PHE B 183 -12.19 -10.83 -27.22
C PHE B 183 -13.46 -11.08 -26.41
N GLU B 184 -13.26 -11.50 -25.15
CA GLU B 184 -14.33 -11.59 -24.20
C GLU B 184 -14.83 -10.19 -23.85
N ALA B 185 -16.07 -10.12 -23.36
CA ALA B 185 -16.73 -8.85 -23.10
C ALA B 185 -16.23 -8.18 -21.81
N GLU B 186 -15.58 -8.95 -20.93
CA GLU B 186 -15.20 -8.47 -19.62
C GLU B 186 -14.06 -7.44 -19.64
N ASP B 187 -14.18 -6.46 -18.74
CA ASP B 187 -13.21 -5.40 -18.59
C ASP B 187 -11.91 -5.96 -18.00
N TYR B 188 -10.79 -5.33 -18.36
CA TYR B 188 -9.48 -5.73 -17.86
C TYR B 188 -8.91 -4.56 -17.06
N PRO B 189 -8.40 -4.79 -15.83
CA PRO B 189 -7.86 -3.70 -15.03
C PRO B 189 -6.50 -3.21 -15.52
N VAL B 190 -6.50 -2.12 -16.28
CA VAL B 190 -5.28 -1.58 -16.87
C VAL B 190 -4.40 -0.91 -15.81
N ILE B 191 -5.03 -0.41 -14.74
CA ILE B 191 -4.33 0.10 -13.57
C ILE B 191 -5.04 -0.39 -12.31
N CYS B 192 -4.39 -0.20 -11.15
CA CYS B 192 -5.00 -0.50 -9.86
C CYS B 192 -4.71 0.61 -8.87
N LEU B 193 -5.77 1.33 -8.46
CA LEU B 193 -5.65 2.41 -7.49
C LEU B 193 -6.04 1.89 -6.11
N ASN B 194 -5.06 1.83 -5.20
CA ASN B 194 -5.28 1.31 -3.86
C ASN B 194 -5.90 2.35 -2.94
N GLU B 195 -5.45 3.61 -3.06
CA GLU B 195 -6.04 4.71 -2.33
C GLU B 195 -6.54 5.78 -3.30
N LYS B 196 -7.65 6.42 -2.91
CA LYS B 196 -8.26 7.47 -3.70
C LYS B 196 -7.26 8.60 -3.95
N PRO B 197 -7.02 9.00 -5.21
CA PRO B 197 -5.99 9.97 -5.54
C PRO B 197 -6.24 11.36 -4.95
N GLU B 198 -5.16 12.01 -4.51
CA GLU B 198 -5.20 13.40 -4.07
C GLU B 198 -4.77 14.29 -5.23
N VAL B 199 -5.73 14.89 -5.92
CA VAL B 199 -5.46 15.69 -7.10
C VAL B 199 -4.82 17.01 -6.70
N LEU B 200 -3.60 17.24 -7.19
CA LEU B 200 -2.86 18.46 -6.90
C LEU B 200 -3.12 19.53 -7.96
N PRO B 201 -3.12 20.83 -7.60
CA PRO B 201 -3.29 21.88 -8.59
C PRO B 201 -2.21 21.88 -9.68
N ALA B 202 -2.58 22.38 -10.86
CA ALA B 202 -1.71 22.36 -12.03
C ALA B 202 -0.65 23.46 -11.98
N THR B 203 0.53 23.14 -12.51
CA THR B 203 1.52 24.12 -12.91
C THR B 203 1.11 24.55 -14.32
N ASP B 204 2.04 25.18 -15.06
CA ASP B 204 1.84 25.43 -16.48
C ASP B 204 2.57 24.41 -17.36
N LEU B 205 3.25 23.45 -16.72
CA LEU B 205 4.08 22.49 -17.43
C LEU B 205 3.26 21.42 -18.13
N ILE B 206 3.59 21.19 -19.41
CA ILE B 206 2.96 20.14 -20.20
C ILE B 206 4.01 19.11 -20.60
N ILE B 207 3.66 17.83 -20.49
CA ILE B 207 4.61 16.73 -20.63
C ILE B 207 4.24 15.78 -21.76
N SER B 208 5.26 15.37 -22.54
CA SER B 208 5.14 14.25 -23.45
C SER B 208 5.98 13.08 -22.92
N ALA B 209 5.29 11.99 -22.58
CA ALA B 209 5.95 10.75 -22.15
C ALA B 209 5.74 9.69 -23.22
N GLN B 210 6.43 9.86 -24.36
CA GLN B 210 6.26 9.02 -25.52
C GLN B 210 7.60 8.63 -26.14
N ARG B 211 7.68 7.39 -26.65
CA ARG B 211 8.78 6.98 -27.51
C ARG B 211 8.83 7.93 -28.71
N TYR B 212 10.05 8.22 -29.20
CA TYR B 212 10.18 8.94 -30.45
C TYR B 212 9.92 7.93 -31.59
N ASP B 213 8.75 8.07 -32.21
CA ASP B 213 8.29 7.17 -33.25
C ASP B 213 7.29 7.93 -34.11
N THR B 214 7.79 8.51 -35.21
CA THR B 214 7.00 9.41 -36.04
C THR B 214 5.85 8.70 -36.74
N LYS B 215 6.08 7.45 -37.16
CA LYS B 215 5.07 6.68 -37.87
C LYS B 215 3.89 6.33 -36.95
N MET B 216 4.20 5.75 -35.78
CA MET B 216 3.17 5.25 -34.87
C MET B 216 2.60 6.34 -33.98
N ARG B 217 3.49 7.09 -33.30
CA ARG B 217 3.08 8.04 -32.28
C ARG B 217 3.25 9.50 -32.67
N ARG B 218 3.77 9.76 -33.88
CA ARG B 218 3.98 11.12 -34.37
C ARG B 218 4.58 12.01 -33.28
N THR B 219 5.71 11.55 -32.73
CA THR B 219 6.34 12.22 -31.62
C THR B 219 7.01 13.52 -32.05
N ASP B 220 7.32 13.63 -33.35
CA ASP B 220 7.83 14.87 -33.91
C ASP B 220 6.82 16.00 -33.71
N VAL B 221 5.53 15.70 -33.95
CA VAL B 221 4.46 16.66 -33.72
C VAL B 221 4.43 17.07 -32.25
N ALA B 222 4.58 16.09 -31.35
CA ALA B 222 4.57 16.33 -29.92
C ALA B 222 5.70 17.27 -29.51
N LEU B 223 6.93 16.94 -29.94
CA LEU B 223 8.12 17.69 -29.55
C LEU B 223 8.22 19.05 -30.24
N GLU B 224 7.47 19.23 -31.33
CA GLU B 224 7.31 20.54 -31.94
C GLU B 224 6.44 21.45 -31.07
N ALA B 225 5.44 20.86 -30.42
CA ALA B 225 4.60 21.58 -29.47
C ALA B 225 5.41 21.90 -28.21
N ILE B 226 6.24 20.96 -27.78
CA ILE B 226 7.13 21.15 -26.64
C ILE B 226 8.06 22.34 -26.84
N LYS B 227 8.67 22.44 -28.03
CA LYS B 227 9.55 23.54 -28.36
C LYS B 227 8.80 24.88 -28.27
N ALA B 228 7.54 24.89 -28.74
CA ALA B 228 6.73 26.09 -28.74
C ALA B 228 6.31 26.51 -27.33
N LEU B 229 6.25 25.55 -26.41
CA LEU B 229 5.96 25.82 -25.00
C LEU B 229 7.13 26.45 -24.26
N GLY B 230 8.36 26.22 -24.76
CA GLY B 230 9.55 26.75 -24.12
C GLY B 230 9.78 26.14 -22.74
N GLU B 231 9.82 27.00 -21.72
CA GLU B 231 10.02 26.57 -20.34
C GLU B 231 8.87 25.71 -19.80
N ASN B 232 7.67 25.89 -20.36
CA ASN B 232 6.49 25.17 -19.92
C ASN B 232 6.25 23.86 -20.68
N GLY B 233 7.31 23.33 -21.32
CA GLY B 233 7.23 22.09 -22.06
C GLY B 233 8.45 21.21 -21.80
N VAL B 234 8.21 19.92 -21.56
CA VAL B 234 9.27 18.95 -21.39
C VAL B 234 8.86 17.63 -22.04
N GLY B 235 9.85 16.95 -22.65
CA GLY B 235 9.64 15.64 -23.24
C GLY B 235 10.48 14.57 -22.55
N TYR B 236 9.87 13.40 -22.32
CA TYR B 236 10.59 12.23 -21.85
C TYR B 236 10.60 11.17 -22.96
N CYS B 237 11.79 10.63 -23.24
CA CYS B 237 11.97 9.56 -24.21
C CYS B 237 12.90 8.50 -23.65
N PRO B 238 12.67 7.21 -23.92
CA PRO B 238 13.67 6.18 -23.66
C PRO B 238 14.82 6.25 -24.68
N SER B 239 16.00 5.79 -24.27
CA SER B 239 17.17 5.84 -25.14
C SER B 239 16.99 4.93 -26.35
N LYS B 240 16.20 3.85 -26.17
CA LYS B 240 15.88 2.91 -27.23
C LYS B 240 15.02 3.55 -28.33
N TRP B 241 14.26 4.59 -27.97
CA TRP B 241 13.51 5.38 -28.94
C TRP B 241 13.76 6.87 -28.76
N ALA B 242 15.04 7.27 -28.90
CA ALA B 242 15.44 8.65 -28.71
C ALA B 242 15.11 9.51 -29.92
N PRO B 243 14.86 10.82 -29.73
CA PRO B 243 14.66 11.74 -30.85
C PRO B 243 15.95 12.30 -31.43
N PRO B 244 15.90 13.00 -32.58
CA PRO B 244 17.05 13.73 -33.08
C PRO B 244 17.44 14.92 -32.19
N ALA B 245 18.65 15.44 -32.41
CA ALA B 245 19.21 16.48 -31.57
C ALA B 245 18.35 17.75 -31.51
N LYS B 246 17.62 18.03 -32.59
CA LYS B 246 16.81 19.23 -32.67
C LYS B 246 15.69 19.29 -31.63
N TYR B 247 15.30 18.14 -31.07
CA TYR B 247 14.35 18.08 -29.97
C TYR B 247 15.03 17.63 -28.68
N PRO B 248 15.49 18.55 -27.80
CA PRO B 248 15.99 18.16 -26.48
C PRO B 248 14.92 17.53 -25.60
N VAL B 249 15.25 16.36 -25.04
CA VAL B 249 14.38 15.65 -24.13
C VAL B 249 15.19 15.06 -22.98
N ILE B 250 14.51 14.50 -21.98
CA ILE B 250 15.17 13.80 -20.89
C ILE B 250 15.17 12.30 -21.22
N ILE B 251 16.36 11.72 -21.31
CA ILE B 251 16.53 10.34 -21.72
C ILE B 251 16.53 9.40 -20.52
N ASP B 252 15.76 8.31 -20.62
CA ASP B 252 15.74 7.25 -19.62
C ASP B 252 15.65 7.79 -18.19
N ALA B 253 14.67 8.67 -17.96
CA ALA B 253 14.38 9.14 -16.61
C ALA B 253 13.73 8.02 -15.82
N PRO B 254 14.06 7.83 -14.52
CA PRO B 254 13.33 6.87 -13.69
C PRO B 254 11.83 7.10 -13.75
N HIS B 255 11.06 6.04 -14.04
CA HIS B 255 9.63 6.19 -14.25
C HIS B 255 8.96 6.90 -13.09
N SER B 256 9.39 6.56 -11.86
CA SER B 256 8.85 7.18 -10.65
C SER B 256 8.95 8.70 -10.65
N GLU B 257 10.06 9.22 -11.19
CA GLU B 257 10.28 10.66 -11.26
C GLU B 257 9.36 11.34 -12.29
N ILE B 258 9.10 10.63 -13.40
CA ILE B 258 8.18 11.13 -14.41
C ILE B 258 6.78 11.24 -13.80
N MET B 259 6.35 10.18 -13.12
CA MET B 259 5.04 10.13 -12.51
C MET B 259 4.88 11.20 -11.43
N GLU B 260 5.93 11.40 -10.64
CA GLU B 260 5.92 12.41 -9.60
C GLU B 260 5.76 13.80 -10.22
N ARG B 261 6.48 14.05 -11.31
CA ARG B 261 6.42 15.33 -11.99
C ARG B 261 5.05 15.52 -12.64
N LEU B 262 4.47 14.43 -13.14
CA LEU B 262 3.20 14.46 -13.84
C LEU B 262 2.05 14.91 -12.94
N LYS B 263 2.18 14.69 -11.63
CA LYS B 263 1.13 15.03 -10.67
C LYS B 263 0.72 16.51 -10.72
N THR B 264 1.68 17.40 -11.00
CA THR B 264 1.43 18.83 -11.03
C THR B 264 1.47 19.43 -12.44
N ALA B 265 1.41 18.58 -13.47
CA ALA B 265 1.42 19.03 -14.85
C ALA B 265 0.04 19.56 -15.25
N LYS B 266 0.03 20.56 -16.13
CA LYS B 266 -1.21 21.12 -16.65
C LYS B 266 -1.90 20.16 -17.61
N ALA B 267 -1.10 19.45 -18.42
CA ALA B 267 -1.63 18.52 -19.40
C ALA B 267 -0.57 17.52 -19.84
N LEU B 268 -1.05 16.44 -20.49
CA LEU B 268 -0.18 15.44 -21.11
C LEU B 268 -0.38 15.49 -22.62
N ILE B 269 0.73 15.54 -23.36
CA ILE B 269 0.71 15.45 -24.81
C ILE B 269 0.68 13.99 -25.21
N ASN B 270 -0.32 13.63 -26.03
CA ASN B 270 -0.41 12.32 -26.66
C ASN B 270 -0.77 12.50 -28.12
N THR B 271 0.14 12.06 -29.01
CA THR B 271 0.02 12.33 -30.44
C THR B 271 -0.14 11.07 -31.29
N CYS B 272 -0.53 9.94 -30.67
CA CYS B 272 -0.85 8.73 -31.40
C CYS B 272 -2.31 8.77 -31.85
N PRO B 273 -2.62 9.02 -33.14
CA PRO B 273 -3.98 9.22 -33.58
C PRO B 273 -4.73 7.95 -34.00
N ASP B 274 -4.02 6.96 -34.56
CA ASP B 274 -4.70 5.86 -35.23
C ASP B 274 -4.68 4.51 -34.51
N THR B 275 -3.70 4.29 -33.62
CA THR B 275 -3.55 3.02 -32.94
C THR B 275 -3.62 3.16 -31.42
N GLY B 276 -4.53 4.03 -30.95
CA GLY B 276 -4.72 4.25 -29.53
C GLY B 276 -5.51 3.11 -28.88
N THR B 277 -4.83 1.98 -28.66
CA THR B 277 -5.47 0.76 -28.19
C THR B 277 -5.39 0.60 -26.67
N VAL B 278 -4.26 0.98 -26.07
CA VAL B 278 -4.08 0.87 -24.62
C VAL B 278 -3.74 2.22 -24.01
N GLU B 279 -2.65 2.81 -24.50
CA GLU B 279 -2.22 4.16 -24.14
C GLU B 279 -2.04 4.32 -22.63
N ASN B 280 -0.96 3.73 -22.11
CA ASN B 280 -0.67 3.72 -20.68
C ASN B 280 -0.41 5.11 -20.12
N SER B 281 0.28 5.97 -20.90
CA SER B 281 0.64 7.29 -20.42
C SER B 281 -0.61 8.16 -20.22
N SER B 282 -1.66 7.90 -21.01
CA SER B 282 -2.93 8.58 -20.85
C SER B 282 -3.59 8.30 -19.51
N ILE B 283 -3.67 7.01 -19.14
CA ILE B 283 -4.28 6.61 -17.88
C ILE B 283 -3.37 6.99 -16.70
N GLU B 284 -2.06 6.99 -16.93
CA GLU B 284 -1.09 7.48 -15.95
C GLU B 284 -1.40 8.93 -15.57
N ALA B 285 -1.71 9.75 -16.59
CA ALA B 285 -2.01 11.15 -16.40
C ALA B 285 -3.39 11.37 -15.77
N ILE B 286 -4.41 10.76 -16.37
CA ILE B 286 -5.79 11.01 -15.99
C ILE B 286 -6.09 10.51 -14.57
N SER B 287 -5.42 9.42 -14.16
CA SER B 287 -5.56 8.91 -12.80
C SER B 287 -5.07 9.91 -11.75
N LYS B 288 -4.16 10.80 -12.15
CA LYS B 288 -3.66 11.88 -11.30
C LYS B 288 -4.42 13.19 -11.51
N GLY B 289 -5.47 13.15 -12.34
CA GLY B 289 -6.27 14.32 -12.66
C GLY B 289 -5.77 15.13 -13.85
N VAL B 290 -4.65 14.71 -14.45
CA VAL B 290 -4.03 15.45 -15.55
C VAL B 290 -4.75 15.16 -16.87
N PRO B 291 -5.20 16.20 -17.61
CA PRO B 291 -5.87 15.99 -18.88
C PRO B 291 -4.91 15.62 -20.01
N VAL B 292 -5.44 14.93 -21.03
CA VAL B 292 -4.67 14.59 -22.21
C VAL B 292 -5.13 15.48 -23.36
N ILE B 293 -4.16 16.02 -24.10
CA ILE B 293 -4.43 16.73 -25.34
C ILE B 293 -4.20 15.73 -26.47
N GLN B 294 -5.28 15.15 -26.99
CA GLN B 294 -5.21 13.96 -27.83
C GLN B 294 -5.37 14.25 -29.31
N LEU B 295 -4.29 14.02 -30.07
CA LEU B 295 -4.37 13.96 -31.52
C LEU B 295 -5.02 12.65 -31.91
N VAL B 296 -6.03 12.71 -32.79
CA VAL B 296 -6.80 11.54 -33.16
C VAL B 296 -7.38 11.67 -34.57
N PHE B 297 -7.55 10.52 -35.24
CA PHE B 297 -8.29 10.44 -36.49
C PHE B 297 -9.79 10.57 -36.23
N LYS B 298 -10.50 11.19 -37.18
CA LYS B 298 -11.94 11.30 -37.11
C LYS B 298 -12.56 9.90 -37.18
N ASP B 299 -13.57 9.67 -36.33
CA ASP B 299 -14.32 8.41 -36.29
C ASP B 299 -13.50 7.18 -35.92
N TYR B 300 -12.32 7.39 -35.34
CA TYR B 300 -11.49 6.30 -34.86
C TYR B 300 -11.70 6.11 -33.36
N PRO B 301 -11.70 4.86 -32.86
CA PRO B 301 -11.62 4.63 -31.41
C PRO B 301 -10.28 5.06 -30.83
N HIS B 302 -10.29 5.39 -29.53
CA HIS B 302 -9.06 5.74 -28.82
C HIS B 302 -9.26 5.52 -27.32
N ALA B 303 -8.26 4.92 -26.68
CA ALA B 303 -8.35 4.56 -25.27
C ALA B 303 -8.44 5.78 -24.36
N THR B 304 -7.86 6.92 -24.80
CA THR B 304 -7.89 8.14 -24.01
C THR B 304 -9.31 8.58 -23.72
N PHE B 305 -10.17 8.56 -24.75
CA PHE B 305 -11.56 8.98 -24.61
C PHE B 305 -12.37 8.05 -23.72
N GLU B 306 -11.90 6.81 -23.60
CA GLU B 306 -12.47 5.84 -22.67
C GLU B 306 -12.10 6.17 -21.23
N TYR B 307 -10.83 6.52 -20.98
CA TYR B 307 -10.37 6.90 -19.66
C TYR B 307 -10.97 8.22 -19.21
N ASP B 308 -11.08 9.17 -20.14
CA ASP B 308 -11.73 10.46 -19.89
C ASP B 308 -12.57 10.87 -21.10
N PRO B 309 -13.91 10.69 -21.04
CA PRO B 309 -14.79 11.08 -22.13
C PRO B 309 -14.65 12.54 -22.58
N ASP B 310 -14.34 13.44 -21.64
CA ASP B 310 -14.29 14.87 -21.93
C ASP B 310 -12.94 15.35 -22.48
N THR B 311 -12.05 14.42 -22.83
CA THR B 311 -10.75 14.74 -23.39
C THR B 311 -10.88 15.68 -24.60
N VAL B 312 -9.96 16.66 -24.67
CA VAL B 312 -9.86 17.58 -25.78
C VAL B 312 -9.32 16.85 -27.02
N ARG B 313 -10.04 16.96 -28.14
CA ARG B 313 -9.69 16.29 -29.38
C ARG B 313 -9.05 17.27 -30.37
N VAL B 314 -7.84 16.92 -30.84
CA VAL B 314 -7.26 17.56 -32.01
C VAL B 314 -7.48 16.57 -33.17
N GLU B 315 -8.45 16.89 -34.04
CA GLU B 315 -8.96 15.95 -35.00
C GLU B 315 -8.32 16.10 -36.38
N ILE B 316 -7.84 14.98 -36.94
CA ILE B 316 -7.24 14.93 -38.26
C ILE B 316 -7.73 13.69 -39.01
N ASP B 317 -7.17 13.45 -40.20
CA ASP B 317 -7.27 12.17 -40.89
C ASP B 317 -5.93 11.85 -41.54
N PHE B 318 -5.87 10.73 -42.28
CA PHE B 318 -4.62 10.25 -42.85
C PHE B 318 -4.05 11.15 -43.94
N SER B 319 -4.90 11.98 -44.56
CA SER B 319 -4.48 12.87 -45.64
C SER B 319 -3.97 14.23 -45.17
N THR B 320 -4.21 14.56 -43.90
CA THR B 320 -3.82 15.86 -43.37
C THR B 320 -2.31 16.03 -43.43
N PRO B 321 -1.79 17.06 -44.15
CA PRO B 321 -0.35 17.29 -44.22
C PRO B 321 0.29 17.54 -42.86
N LYS B 322 1.54 17.08 -42.71
CA LYS B 322 2.29 17.27 -41.48
C LYS B 322 2.36 18.74 -41.07
N LYS B 323 2.52 19.61 -42.08
CA LYS B 323 2.59 21.05 -41.86
C LYS B 323 1.38 21.56 -41.10
N GLU B 324 0.19 21.13 -41.53
CA GLU B 324 -1.06 21.48 -40.87
C GLU B 324 -1.21 20.83 -39.50
N VAL B 325 -0.88 19.54 -39.41
CA VAL B 325 -1.05 18.79 -38.17
C VAL B 325 -0.25 19.43 -37.05
N VAL B 326 0.99 19.85 -37.35
CA VAL B 326 1.86 20.45 -36.35
C VAL B 326 1.26 21.76 -35.87
N ALA B 327 0.86 22.61 -36.82
CA ALA B 327 0.27 23.90 -36.51
C ALA B 327 -1.01 23.75 -35.68
N LEU B 328 -1.88 22.84 -36.11
CA LEU B 328 -3.16 22.61 -35.44
C LEU B 328 -2.98 22.08 -34.03
N TYR B 329 -2.02 21.16 -33.86
CA TYR B 329 -1.76 20.57 -32.55
C TYR B 329 -1.05 21.56 -31.61
N THR B 330 -0.07 22.29 -32.16
CA THR B 330 0.63 23.31 -31.40
C THR B 330 -0.34 24.38 -30.90
N LYS B 331 -1.33 24.72 -31.74
CA LYS B 331 -2.34 25.72 -31.40
C LYS B 331 -3.16 25.26 -30.20
N ALA B 332 -3.57 23.98 -30.21
CA ALA B 332 -4.34 23.41 -29.12
C ALA B 332 -3.56 23.39 -27.81
N VAL B 333 -2.26 23.10 -27.90
CA VAL B 333 -1.41 23.01 -26.73
C VAL B 333 -1.19 24.38 -26.07
N LEU B 334 -0.81 25.37 -26.87
CA LEU B 334 -0.56 26.71 -26.37
C LEU B 334 -1.81 27.39 -25.81
N GLU B 335 -2.98 27.06 -26.38
CA GLU B 335 -4.24 27.65 -25.97
C GLU B 335 -4.97 26.84 -24.91
N PHE B 336 -4.35 25.77 -24.41
CA PHE B 336 -5.00 24.86 -23.47
C PHE B 336 -5.28 25.51 -22.13
N THR B 337 -6.55 25.44 -21.69
CA THR B 337 -6.95 25.83 -20.36
C THR B 337 -7.68 24.63 -19.72
N ASP B 338 -7.63 24.58 -18.39
CA ASP B 338 -8.26 23.49 -17.65
C ASP B 338 -8.41 23.88 -16.18
N THR B 339 -9.59 23.58 -15.62
CA THR B 339 -9.91 23.94 -14.25
C THR B 339 -9.43 22.86 -13.28
N TYR B 340 -9.29 23.23 -12.00
CA TYR B 340 -8.95 22.28 -10.96
C TYR B 340 -10.07 21.26 -10.74
N GLU B 341 -11.32 21.72 -10.87
CA GLU B 341 -12.49 20.88 -10.69
C GLU B 341 -12.52 19.76 -11.74
N ALA B 342 -12.12 20.09 -12.97
CA ALA B 342 -12.06 19.12 -14.05
C ALA B 342 -11.00 18.05 -13.82
N ARG B 343 -9.92 18.42 -13.11
CA ARG B 343 -8.89 17.47 -12.72
C ARG B 343 -9.46 16.48 -11.69
N VAL B 344 -10.15 17.02 -10.68
CA VAL B 344 -10.79 16.20 -9.67
C VAL B 344 -11.79 15.25 -10.33
N LYS B 345 -12.61 15.78 -11.24
CA LYS B 345 -13.64 15.00 -11.90
C LYS B 345 -13.09 13.79 -12.65
N ARG B 346 -12.04 14.00 -13.46
CA ARG B 346 -11.52 12.93 -14.30
C ARG B 346 -10.73 11.90 -13.48
N ALA B 347 -10.11 12.34 -12.39
CA ALA B 347 -9.47 11.43 -11.45
C ALA B 347 -10.49 10.57 -10.71
N GLU B 348 -11.66 11.16 -10.40
CA GLU B 348 -12.73 10.46 -9.71
C GLU B 348 -13.33 9.34 -10.57
N ALA B 349 -13.56 9.62 -11.84
CA ALA B 349 -14.12 8.64 -12.77
C ALA B 349 -13.23 7.41 -12.88
N VAL B 350 -11.92 7.63 -12.98
CA VAL B 350 -10.94 6.57 -13.04
C VAL B 350 -10.84 5.82 -11.71
N TRP B 351 -10.99 6.55 -10.60
CA TRP B 351 -11.03 5.95 -9.27
C TRP B 351 -12.24 5.02 -9.11
N LYS B 352 -13.39 5.45 -9.63
CA LYS B 352 -14.61 4.67 -9.60
C LYS B 352 -14.45 3.35 -10.36
N LYS B 353 -13.69 3.40 -11.46
CA LYS B 353 -13.53 2.26 -12.34
C LYS B 353 -12.44 1.29 -11.89
N TYR B 354 -11.29 1.83 -11.44
CA TYR B 354 -10.10 1.03 -11.21
C TYR B 354 -9.61 0.99 -9.76
N ASN B 355 -10.51 1.23 -8.80
CA ASN B 355 -10.19 1.06 -7.40
C ASN B 355 -9.94 -0.44 -7.14
N ARG B 356 -9.12 -0.70 -6.12
CA ARG B 356 -8.62 -2.03 -5.82
C ARG B 356 -9.73 -3.08 -5.83
N ASP B 357 -10.84 -2.78 -5.13
CA ASP B 357 -11.95 -3.72 -5.03
C ASP B 357 -12.58 -4.03 -6.38
N ALA B 358 -12.69 -3.00 -7.23
CA ALA B 358 -13.21 -3.18 -8.58
C ALA B 358 -12.26 -4.03 -9.43
N VAL B 359 -10.95 -3.78 -9.24
CA VAL B 359 -9.91 -4.49 -9.98
C VAL B 359 -9.92 -5.98 -9.65
N VAL B 360 -10.04 -6.32 -8.36
CA VAL B 360 -10.06 -7.72 -7.96
C VAL B 360 -11.29 -8.40 -8.55
N ALA B 361 -12.45 -7.71 -8.53
CA ALA B 361 -13.66 -8.22 -9.15
C ALA B 361 -13.47 -8.47 -10.65
N MET B 362 -12.75 -7.56 -11.30
CA MET B 362 -12.43 -7.70 -12.72
C MET B 362 -11.58 -8.95 -12.96
N TRP B 363 -10.50 -9.12 -12.18
CA TRP B 363 -9.65 -10.30 -12.27
C TRP B 363 -10.43 -11.59 -12.01
N ASP B 364 -11.35 -11.55 -11.03
CA ASP B 364 -12.16 -12.71 -10.70
C ASP B 364 -12.98 -13.19 -11.89
N LYS B 365 -13.56 -12.25 -12.64
CA LYS B 365 -14.35 -12.59 -13.81
C LYS B 365 -13.48 -13.19 -14.92
N ILE B 366 -12.25 -12.68 -15.07
CA ILE B 366 -11.31 -13.22 -16.03
C ILE B 366 -10.90 -14.64 -15.63
N PHE B 367 -10.49 -14.82 -14.37
CA PHE B 367 -10.06 -16.11 -13.87
C PHE B 367 -11.23 -16.90 -13.30
N THR B 368 -12.20 -17.20 -14.18
CA THR B 368 -13.28 -18.12 -13.90
C THR B 368 -13.27 -19.21 -14.96
N ALA B 369 -13.53 -20.46 -14.55
CA ALA B 369 -13.60 -21.58 -15.46
C ALA B 369 -14.95 -21.59 -16.17
#